data_2LR5
#
_entry.id   2LR5
#
_entity_poly.entity_id   1
_entity_poly.type   'polypeptide(L)'
_entity_poly.pdbx_seq_one_letter_code
;GFGCPFNENECHAHCLSIGRKFGFCAGPLRATCTCGKQ
;
_entity_poly.pdbx_strand_id   A
#
# COMPACT_ATOMS: atom_id res chain seq x y z
N GLY A 1 4.61 -1.50 7.15
CA GLY A 1 3.85 -0.35 6.61
C GLY A 1 2.39 -0.41 7.01
N PHE A 2 1.57 0.41 6.37
CA PHE A 2 0.14 0.42 6.66
C PHE A 2 -0.49 -0.92 6.32
N GLY A 3 -0.28 -1.38 5.10
CA GLY A 3 -0.82 -2.65 4.68
C GLY A 3 0.01 -3.82 5.17
N CYS A 4 1.02 -4.18 4.40
CA CYS A 4 1.90 -5.30 4.76
C CYS A 4 2.70 -4.97 6.01
N PRO A 5 3.09 -5.99 6.80
CA PRO A 5 2.79 -7.39 6.50
C PRO A 5 1.42 -7.83 7.02
N PHE A 6 0.68 -6.90 7.58
CA PHE A 6 -0.64 -7.18 8.13
C PHE A 6 -1.65 -7.51 7.03
N ASN A 7 -1.95 -6.53 6.18
CA ASN A 7 -2.89 -6.74 5.09
C ASN A 7 -2.37 -6.14 3.79
N GLU A 8 -1.52 -6.89 3.11
CA GLU A 8 -0.94 -6.43 1.85
C GLU A 8 -2.05 -6.27 0.82
N ASN A 9 -2.95 -7.24 0.77
CA ASN A 9 -4.06 -7.22 -0.17
C ASN A 9 -4.85 -5.93 -0.04
N GLU A 10 -5.04 -5.47 1.19
CA GLU A 10 -5.78 -4.23 1.43
C GLU A 10 -4.98 -3.06 0.90
N CYS A 11 -3.75 -2.90 1.39
CA CYS A 11 -2.90 -1.80 0.96
C CYS A 11 -2.76 -1.80 -0.56
N HIS A 12 -2.55 -2.99 -1.10
CA HIS A 12 -2.39 -3.18 -2.53
C HIS A 12 -3.64 -2.73 -3.27
N ALA A 13 -4.79 -3.30 -2.90
CA ALA A 13 -6.05 -2.98 -3.55
C ALA A 13 -6.39 -1.51 -3.34
N HIS A 14 -6.10 -1.01 -2.14
CA HIS A 14 -6.36 0.38 -1.80
C HIS A 14 -5.61 1.29 -2.76
N CYS A 15 -4.30 1.08 -2.84
CA CYS A 15 -3.45 1.87 -3.72
C CYS A 15 -3.91 1.71 -5.17
N LEU A 16 -4.28 0.50 -5.52
CA LEU A 16 -4.77 0.19 -6.86
C LEU A 16 -6.05 0.94 -7.17
N SER A 17 -6.81 1.28 -6.13
CA SER A 17 -8.07 1.98 -6.28
C SER A 17 -7.87 3.48 -6.49
N ILE A 18 -6.69 4.01 -6.15
CA ILE A 18 -6.47 5.44 -6.30
C ILE A 18 -5.78 5.75 -7.63
N GLY A 19 -6.06 4.92 -8.63
CA GLY A 19 -5.49 5.13 -9.95
C GLY A 19 -4.24 4.32 -10.18
N ARG A 20 -3.44 4.19 -9.14
CA ARG A 20 -2.17 3.45 -9.22
C ARG A 20 -2.43 1.99 -9.58
N LYS A 21 -1.48 1.37 -10.26
CA LYS A 21 -1.63 -0.02 -10.67
C LYS A 21 -0.77 -0.95 -9.82
N PHE A 22 0.18 -0.39 -9.10
CA PHE A 22 1.05 -1.16 -8.23
C PHE A 22 1.41 -0.33 -7.01
N GLY A 23 1.86 -1.02 -5.98
CA GLY A 23 2.22 -0.36 -4.74
C GLY A 23 2.28 -1.32 -3.59
N PHE A 24 3.06 -0.96 -2.58
CA PHE A 24 3.22 -1.77 -1.39
C PHE A 24 3.12 -0.86 -0.17
N CYS A 25 3.45 -1.35 1.00
CA CYS A 25 3.38 -0.53 2.20
C CYS A 25 4.65 0.31 2.36
N ALA A 26 4.47 1.54 2.82
CA ALA A 26 5.59 2.46 3.00
C ALA A 26 5.98 2.56 4.47
N GLY A 27 7.26 2.33 4.73
CA GLY A 27 7.78 2.40 6.09
C GLY A 27 7.51 1.14 6.89
N PRO A 28 8.19 0.96 8.03
CA PRO A 28 7.99 -0.21 8.88
C PRO A 28 6.68 -0.13 9.66
N LEU A 29 6.40 1.04 10.23
CA LEU A 29 5.19 1.26 11.00
C LEU A 29 3.98 1.40 10.09
N ARG A 30 2.79 1.33 10.68
CA ARG A 30 1.55 1.44 9.92
C ARG A 30 1.25 2.90 9.56
N ALA A 31 2.08 3.46 8.70
CA ALA A 31 1.92 4.85 8.27
C ALA A 31 1.10 4.93 6.98
N THR A 32 1.73 4.64 5.86
CA THR A 32 1.05 4.70 4.57
C THR A 32 1.53 3.60 3.63
N CYS A 33 1.27 3.77 2.35
CA CYS A 33 1.66 2.80 1.32
C CYS A 33 2.44 3.50 0.21
N THR A 34 3.42 2.80 -0.32
CA THR A 34 4.25 3.32 -1.40
C THR A 34 3.77 2.81 -2.74
N CYS A 35 3.04 3.64 -3.46
CA CYS A 35 2.54 3.25 -4.77
C CYS A 35 3.64 3.38 -5.82
N GLY A 36 3.57 2.54 -6.84
CA GLY A 36 4.57 2.53 -7.90
C GLY A 36 4.63 3.83 -8.69
N LYS A 37 3.56 4.58 -8.64
CA LYS A 37 3.50 5.86 -9.34
C LYS A 37 3.09 6.98 -8.40
N GLN A 38 3.65 6.96 -7.19
CA GLN A 38 3.37 7.97 -6.17
C GLN A 38 1.88 8.00 -5.83
N GLY A 1 1.53 -2.05 9.51
CA GLY A 1 1.18 -0.64 9.21
C GLY A 1 -0.29 -0.45 8.99
N PHE A 2 -0.66 0.46 8.10
CA PHE A 2 -2.07 0.72 7.81
C PHE A 2 -2.69 -0.48 7.11
N GLY A 3 -1.99 -0.98 6.11
CA GLY A 3 -2.47 -2.13 5.37
C GLY A 3 -1.77 -3.41 5.80
N CYS A 4 -0.63 -3.67 5.17
CA CYS A 4 0.15 -4.87 5.45
C CYS A 4 0.54 -4.96 6.93
N PRO A 5 0.69 -6.18 7.44
CA PRO A 5 0.52 -7.41 6.67
C PRO A 5 -0.90 -7.98 6.74
N PHE A 6 -1.75 -7.34 7.53
CA PHE A 6 -3.13 -7.81 7.70
C PHE A 6 -4.05 -7.32 6.58
N ASN A 7 -4.15 -6.00 6.44
CA ASN A 7 -5.03 -5.41 5.43
C ASN A 7 -4.26 -5.03 4.18
N GLU A 8 -3.37 -5.93 3.76
CA GLU A 8 -2.56 -5.70 2.58
C GLU A 8 -3.42 -5.77 1.34
N ASN A 9 -4.28 -6.77 1.27
CA ASN A 9 -5.15 -6.96 0.11
C ASN A 9 -6.01 -5.73 -0.14
N GLU A 10 -6.44 -5.07 0.93
CA GLU A 10 -7.26 -3.87 0.78
C GLU A 10 -6.39 -2.71 0.36
N CYS A 11 -5.34 -2.42 1.13
CA CYS A 11 -4.46 -1.29 0.81
C CYS A 11 -3.88 -1.46 -0.60
N HIS A 12 -3.57 -2.70 -0.95
CA HIS A 12 -3.03 -3.03 -2.26
C HIS A 12 -4.05 -2.76 -3.35
N ALA A 13 -5.22 -3.41 -3.24
CA ALA A 13 -6.27 -3.24 -4.23
C ALA A 13 -6.76 -1.81 -4.26
N HIS A 14 -6.79 -1.17 -3.10
CA HIS A 14 -7.22 0.21 -2.98
C HIS A 14 -6.33 1.11 -3.83
N CYS A 15 -5.03 1.03 -3.58
CA CYS A 15 -4.07 1.83 -4.33
C CYS A 15 -4.14 1.47 -5.81
N LEU A 16 -4.34 0.20 -6.07
CA LEU A 16 -4.45 -0.29 -7.45
C LEU A 16 -5.65 0.32 -8.16
N SER A 17 -6.67 0.66 -7.38
CA SER A 17 -7.89 1.24 -7.93
C SER A 17 -7.74 2.73 -8.20
N ILE A 18 -6.71 3.37 -7.63
CA ILE A 18 -6.54 4.80 -7.83
C ILE A 18 -5.46 5.10 -8.87
N GLY A 19 -5.34 4.21 -9.85
CA GLY A 19 -4.38 4.40 -10.93
C GLY A 19 -3.10 3.60 -10.73
N ARG A 20 -2.64 3.53 -9.50
CA ARG A 20 -1.41 2.81 -9.19
C ARG A 20 -1.55 1.33 -9.55
N LYS A 21 -0.46 0.71 -10.00
CA LYS A 21 -0.50 -0.70 -10.36
C LYS A 21 0.19 -1.57 -9.32
N PHE A 22 1.09 -0.96 -8.56
CA PHE A 22 1.82 -1.67 -7.51
C PHE A 22 2.03 -0.74 -6.33
N GLY A 23 2.19 -1.32 -5.15
CA GLY A 23 2.40 -0.52 -3.96
C GLY A 23 2.16 -1.32 -2.69
N PHE A 24 2.81 -0.90 -1.61
CA PHE A 24 2.68 -1.55 -0.32
C PHE A 24 3.25 -0.65 0.78
N CYS A 25 3.08 -1.02 2.03
CA CYS A 25 3.59 -0.20 3.13
C CYS A 25 5.11 -0.10 3.08
N ALA A 26 5.60 1.13 3.03
CA ALA A 26 7.04 1.36 2.95
C ALA A 26 7.52 2.20 4.13
N GLY A 27 8.75 2.72 4.00
CA GLY A 27 9.33 3.53 5.05
C GLY A 27 9.91 2.68 6.17
N PRO A 28 10.69 3.28 7.08
CA PRO A 28 11.30 2.55 8.20
C PRO A 28 10.27 2.16 9.25
N LEU A 29 9.09 2.76 9.14
CA LEU A 29 8.01 2.49 10.08
C LEU A 29 7.11 1.37 9.57
N ARG A 30 7.15 1.14 8.26
CA ARG A 30 6.33 0.10 7.62
C ARG A 30 4.85 0.31 7.96
N ALA A 31 4.40 1.55 7.83
CA ALA A 31 3.03 1.90 8.15
C ALA A 31 2.22 2.27 6.92
N THR A 32 2.45 3.47 6.40
CA THR A 32 1.73 3.96 5.23
C THR A 32 2.10 3.21 3.95
N CYS A 33 1.08 2.96 3.13
CA CYS A 33 1.29 2.27 1.87
C CYS A 33 1.85 3.24 0.84
N THR A 34 2.90 2.82 0.18
CA THR A 34 3.55 3.63 -0.84
C THR A 34 3.48 2.95 -2.19
N CYS A 35 3.04 3.67 -3.20
CA CYS A 35 2.91 3.11 -4.54
C CYS A 35 3.79 3.87 -5.53
N GLY A 36 3.81 3.39 -6.78
CA GLY A 36 4.62 4.02 -7.82
C GLY A 36 4.31 5.50 -8.01
N LYS A 37 3.07 5.88 -7.74
CA LYS A 37 2.64 7.26 -7.86
C LYS A 37 2.00 7.73 -6.56
N GLN A 38 2.59 7.30 -5.43
CA GLN A 38 2.09 7.65 -4.10
C GLN A 38 0.65 7.17 -3.95
N GLY A 1 0.58 -0.68 10.04
CA GLY A 1 0.41 0.63 9.37
C GLY A 1 -1.01 0.84 8.90
N PHE A 2 -1.16 1.54 7.78
CA PHE A 2 -2.48 1.81 7.22
C PHE A 2 -3.12 0.51 6.75
N GLY A 3 -2.34 -0.27 6.01
CA GLY A 3 -2.82 -1.55 5.52
C GLY A 3 -2.03 -2.69 6.12
N CYS A 4 -0.72 -2.69 5.89
CA CYS A 4 0.18 -3.70 6.42
C CYS A 4 0.03 -3.85 7.93
N PRO A 5 0.29 -5.06 8.45
CA PRO A 5 0.68 -6.22 7.66
C PRO A 5 -0.48 -7.18 7.39
N PHE A 6 -1.64 -6.86 7.94
CA PHE A 6 -2.82 -7.71 7.78
C PHE A 6 -3.63 -7.36 6.55
N ASN A 7 -3.87 -6.07 6.34
CA ASN A 7 -4.68 -5.64 5.21
C ASN A 7 -3.84 -4.92 4.16
N GLU A 8 -2.69 -5.48 3.86
CA GLU A 8 -1.79 -4.90 2.87
C GLU A 8 -2.36 -5.13 1.48
N ASN A 9 -3.05 -6.25 1.32
CA ASN A 9 -3.66 -6.60 0.05
C ASN A 9 -4.78 -5.62 -0.26
N GLU A 10 -5.51 -5.26 0.78
CA GLU A 10 -6.61 -4.31 0.66
C GLU A 10 -6.08 -2.92 0.41
N CYS A 11 -4.99 -2.57 1.09
CA CYS A 11 -4.38 -1.27 0.90
C CYS A 11 -3.83 -1.20 -0.52
N HIS A 12 -3.30 -2.33 -0.99
CA HIS A 12 -2.78 -2.45 -2.34
C HIS A 12 -3.93 -2.38 -3.34
N ALA A 13 -5.04 -3.04 -3.00
CA ALA A 13 -6.23 -3.04 -3.84
C ALA A 13 -6.74 -1.62 -4.00
N HIS A 14 -6.75 -0.89 -2.89
CA HIS A 14 -7.18 0.51 -2.89
C HIS A 14 -6.25 1.29 -3.81
N CYS A 15 -4.97 1.07 -3.63
CA CYS A 15 -3.94 1.71 -4.45
C CYS A 15 -4.20 1.43 -5.92
N LEU A 16 -4.61 0.21 -6.19
CA LEU A 16 -4.92 -0.23 -7.54
C LEU A 16 -6.06 0.58 -8.15
N SER A 17 -6.95 1.06 -7.30
CA SER A 17 -8.11 1.84 -7.72
C SER A 17 -7.72 3.27 -8.11
N ILE A 18 -6.58 3.75 -7.63
CA ILE A 18 -6.17 5.12 -7.94
C ILE A 18 -5.23 5.15 -9.13
N GLY A 19 -5.40 4.20 -10.04
CA GLY A 19 -4.59 4.14 -11.23
C GLY A 19 -3.30 3.37 -11.03
N ARG A 20 -2.76 3.45 -9.82
CA ARG A 20 -1.51 2.76 -9.50
C ARG A 20 -1.71 1.25 -9.58
N LYS A 21 -0.67 0.51 -9.92
CA LYS A 21 -0.77 -0.93 -10.03
C LYS A 21 -0.09 -1.63 -8.87
N PHE A 22 0.94 -0.99 -8.33
CA PHE A 22 1.68 -1.55 -7.22
C PHE A 22 1.78 -0.53 -6.10
N GLY A 23 1.90 -1.03 -4.89
CA GLY A 23 1.99 -0.18 -3.73
C GLY A 23 1.78 -0.93 -2.45
N PHE A 24 2.46 -0.51 -1.39
CA PHE A 24 2.36 -1.13 -0.07
C PHE A 24 3.08 -0.25 0.94
N CYS A 25 3.02 -0.62 2.21
CA CYS A 25 3.65 0.17 3.26
C CYS A 25 5.11 0.48 2.94
N ALA A 26 5.42 1.77 2.91
CA ALA A 26 6.78 2.22 2.63
C ALA A 26 7.15 3.35 3.57
N GLY A 27 8.36 3.86 3.43
CA GLY A 27 8.82 4.94 4.28
C GLY A 27 9.34 4.43 5.61
N PRO A 28 8.65 4.75 6.72
CA PRO A 28 9.05 4.29 8.06
C PRO A 28 8.75 2.80 8.27
N LEU A 29 9.38 1.97 7.44
CA LEU A 29 9.24 0.51 7.49
C LEU A 29 7.83 0.07 7.09
N ARG A 30 6.88 0.19 8.00
CA ARG A 30 5.50 -0.22 7.72
C ARG A 30 4.51 0.78 8.30
N ALA A 31 4.52 1.99 7.75
CA ALA A 31 3.61 3.04 8.21
C ALA A 31 2.44 3.22 7.25
N THR A 32 2.66 3.97 6.19
CA THR A 32 1.61 4.23 5.21
C THR A 32 1.91 3.51 3.91
N CYS A 33 0.87 2.93 3.31
CA CYS A 33 1.02 2.23 2.04
C CYS A 33 1.32 3.22 0.94
N THR A 34 2.52 3.13 0.38
CA THR A 34 2.94 4.00 -0.68
C THR A 34 2.99 3.25 -2.01
N CYS A 35 2.41 3.84 -3.04
CA CYS A 35 2.39 3.21 -4.35
C CYS A 35 3.65 3.55 -5.14
N GLY A 36 3.82 2.89 -6.29
CA GLY A 36 5.00 3.12 -7.12
C GLY A 36 5.27 4.59 -7.40
N LYS A 37 4.22 5.34 -7.65
CA LYS A 37 4.35 6.77 -7.92
C LYS A 37 3.45 7.56 -6.98
N GLN A 38 3.55 7.22 -5.69
CA GLN A 38 2.76 7.87 -4.64
C GLN A 38 1.28 7.68 -4.91
N GLY A 1 0.76 -1.00 10.53
CA GLY A 1 0.39 0.37 10.11
C GLY A 1 -1.03 0.43 9.61
N PHE A 2 -1.28 1.25 8.60
CA PHE A 2 -2.61 1.38 8.04
C PHE A 2 -3.01 0.09 7.34
N GLY A 3 -2.14 -0.37 6.46
CA GLY A 3 -2.40 -1.61 5.75
C GLY A 3 -1.65 -2.77 6.39
N CYS A 4 -0.43 -2.98 5.95
CA CYS A 4 0.42 -4.05 6.45
C CYS A 4 0.64 -3.92 7.96
N PRO A 5 0.81 -5.05 8.66
CA PRO A 5 0.80 -6.38 8.07
C PRO A 5 -0.57 -7.07 8.13
N PHE A 6 -1.60 -6.26 8.31
CA PHE A 6 -2.95 -6.79 8.40
C PHE A 6 -3.70 -6.67 7.07
N ASN A 7 -3.89 -5.44 6.61
CA ASN A 7 -4.62 -5.20 5.37
C ASN A 7 -3.71 -4.64 4.28
N GLU A 8 -2.62 -5.33 3.98
CA GLU A 8 -1.70 -4.85 2.96
C GLU A 8 -2.27 -5.08 1.56
N ASN A 9 -2.99 -6.19 1.39
CA ASN A 9 -3.59 -6.50 0.11
C ASN A 9 -4.70 -5.51 -0.17
N GLU A 10 -5.41 -5.14 0.88
CA GLU A 10 -6.50 -4.19 0.81
C GLU A 10 -5.96 -2.80 0.51
N CYS A 11 -4.84 -2.46 1.15
CA CYS A 11 -4.21 -1.17 0.91
C CYS A 11 -3.74 -1.13 -0.55
N HIS A 12 -3.26 -2.27 -1.03
CA HIS A 12 -2.80 -2.42 -2.40
C HIS A 12 -4.00 -2.32 -3.34
N ALA A 13 -5.09 -2.98 -2.97
CA ALA A 13 -6.31 -2.96 -3.76
C ALA A 13 -6.83 -1.54 -3.87
N HIS A 14 -6.79 -0.81 -2.76
CA HIS A 14 -7.21 0.58 -2.75
C HIS A 14 -6.36 1.38 -3.71
N CYS A 15 -5.06 1.16 -3.61
CA CYS A 15 -4.10 1.82 -4.50
C CYS A 15 -4.46 1.56 -5.96
N LEU A 16 -4.87 0.33 -6.22
CA LEU A 16 -5.28 -0.09 -7.55
C LEU A 16 -6.50 0.72 -8.03
N SER A 17 -7.34 1.09 -7.08
CA SER A 17 -8.55 1.85 -7.38
C SER A 17 -8.25 3.27 -7.84
N ILE A 18 -7.05 3.77 -7.58
CA ILE A 18 -6.71 5.13 -7.99
C ILE A 18 -5.87 5.13 -9.27
N GLY A 19 -6.01 4.06 -10.04
CA GLY A 19 -5.29 3.96 -11.30
C GLY A 19 -3.89 3.38 -11.16
N ARG A 20 -3.42 3.25 -9.93
CA ARG A 20 -2.09 2.72 -9.68
C ARG A 20 -2.12 1.20 -9.80
N LYS A 21 -0.95 0.59 -10.02
CA LYS A 21 -0.89 -0.86 -10.16
C LYS A 21 -0.28 -1.51 -8.93
N PHE A 22 0.72 -0.88 -8.37
CA PHE A 22 1.39 -1.40 -7.20
C PHE A 22 1.45 -0.37 -6.10
N GLY A 23 1.54 -0.86 -4.88
CA GLY A 23 1.60 -0.01 -3.71
C GLY A 23 1.44 -0.81 -2.44
N PHE A 24 2.27 -0.49 -1.46
CA PHE A 24 2.24 -1.17 -0.16
C PHE A 24 3.02 -0.36 0.84
N CYS A 25 2.97 -0.73 2.11
CA CYS A 25 3.69 -0.01 3.14
C CYS A 25 5.18 0.00 2.89
N ALA A 26 5.72 1.18 2.65
CA ALA A 26 7.13 1.34 2.39
C ALA A 26 7.73 2.45 3.24
N GLY A 27 9.01 2.72 3.05
CA GLY A 27 9.67 3.76 3.80
C GLY A 27 10.58 3.17 4.87
N PRO A 28 10.81 3.90 5.97
CA PRO A 28 11.67 3.42 7.07
C PRO A 28 10.99 2.33 7.88
N LEU A 29 9.67 2.27 7.79
CA LEU A 29 8.89 1.27 8.51
C LEU A 29 7.72 0.82 7.65
N ARG A 30 7.47 -0.49 7.64
CA ARG A 30 6.37 -1.04 6.85
C ARG A 30 5.03 -0.78 7.54
N ALA A 31 4.65 0.48 7.59
CA ALA A 31 3.40 0.89 8.23
C ALA A 31 2.57 1.79 7.32
N THR A 32 3.24 2.73 6.66
CA THR A 32 2.56 3.66 5.77
C THR A 32 2.61 3.16 4.32
N CYS A 33 1.44 3.00 3.71
CA CYS A 33 1.37 2.53 2.34
C CYS A 33 1.90 3.56 1.36
N THR A 34 2.75 3.10 0.48
CA THR A 34 3.35 3.93 -0.56
C THR A 34 3.16 3.25 -1.91
N CYS A 35 2.59 3.97 -2.86
CA CYS A 35 2.36 3.42 -4.18
C CYS A 35 3.52 3.76 -5.11
N GLY A 36 3.58 3.09 -6.26
CA GLY A 36 4.66 3.31 -7.22
C GLY A 36 4.94 4.79 -7.47
N LYS A 37 3.88 5.54 -7.73
CA LYS A 37 4.00 6.97 -7.94
C LYS A 37 3.04 7.69 -7.01
N GLN A 38 2.91 7.12 -5.81
CA GLN A 38 2.02 7.64 -4.79
C GLN A 38 0.58 7.70 -5.32
N GLY A 1 0.85 1.28 8.97
CA GLY A 1 -0.29 2.03 8.38
C GLY A 1 -1.61 1.37 8.70
N PHE A 2 -2.66 1.72 7.94
CA PHE A 2 -3.98 1.13 8.16
C PHE A 2 -4.11 -0.20 7.41
N GLY A 3 -3.20 -0.42 6.47
CA GLY A 3 -3.21 -1.65 5.72
C GLY A 3 -2.27 -2.67 6.31
N CYS A 4 -0.98 -2.47 6.10
CA CYS A 4 0.06 -3.35 6.61
C CYS A 4 -0.14 -3.68 8.10
N PRO A 5 0.27 -4.88 8.53
CA PRO A 5 0.89 -5.87 7.65
C PRO A 5 -0.11 -6.92 7.14
N PHE A 6 -1.34 -6.83 7.61
CA PHE A 6 -2.37 -7.78 7.22
C PHE A 6 -3.12 -7.31 5.98
N ASN A 7 -3.54 -6.05 5.99
CA ASN A 7 -4.30 -5.50 4.88
C ASN A 7 -3.38 -4.84 3.86
N GLU A 8 -2.29 -5.52 3.55
CA GLU A 8 -1.32 -5.02 2.59
C GLU A 8 -1.93 -5.01 1.20
N ASN A 9 -2.58 -6.12 0.86
CA ASN A 9 -3.21 -6.25 -0.45
C ASN A 9 -4.46 -5.39 -0.53
N GLU A 10 -5.04 -5.10 0.62
CA GLU A 10 -6.24 -4.26 0.66
C GLU A 10 -5.81 -2.82 0.40
N CYS A 11 -4.67 -2.44 0.96
CA CYS A 11 -4.14 -1.10 0.73
C CYS A 11 -3.69 -1.05 -0.73
N HIS A 12 -3.23 -2.20 -1.21
CA HIS A 12 -2.80 -2.37 -2.59
C HIS A 12 -4.01 -2.23 -3.52
N ALA A 13 -5.10 -2.90 -3.17
CA ALA A 13 -6.32 -2.85 -3.95
C ALA A 13 -6.85 -1.42 -3.97
N HIS A 14 -6.73 -0.76 -2.82
CA HIS A 14 -7.14 0.63 -2.71
C HIS A 14 -6.36 1.45 -3.73
N CYS A 15 -5.05 1.23 -3.73
CA CYS A 15 -4.16 1.89 -4.66
C CYS A 15 -4.56 1.61 -6.10
N LEU A 16 -5.06 0.41 -6.33
CA LEU A 16 -5.49 0.00 -7.66
C LEU A 16 -6.62 0.90 -8.16
N SER A 17 -7.39 1.45 -7.22
CA SER A 17 -8.51 2.32 -7.57
C SER A 17 -8.02 3.72 -7.96
N ILE A 18 -6.78 4.05 -7.61
CA ILE A 18 -6.22 5.35 -7.93
C ILE A 18 -5.13 5.23 -8.99
N GLY A 19 -5.17 4.15 -9.76
CA GLY A 19 -4.20 3.96 -10.83
C GLY A 19 -2.90 3.32 -10.40
N ARG A 20 -2.74 3.06 -9.12
CA ARG A 20 -1.51 2.45 -8.63
C ARG A 20 -1.60 0.93 -8.73
N LYS A 21 -0.95 0.38 -9.75
CA LYS A 21 -0.98 -1.07 -9.97
C LYS A 21 -0.23 -1.84 -8.90
N PHE A 22 0.79 -1.21 -8.33
CA PHE A 22 1.58 -1.84 -7.28
C PHE A 22 1.87 -0.84 -6.18
N GLY A 23 2.31 -1.36 -5.04
CA GLY A 23 2.60 -0.51 -3.90
C GLY A 23 2.10 -1.09 -2.60
N PHE A 24 2.66 -0.61 -1.48
CA PHE A 24 2.28 -1.05 -0.14
C PHE A 24 2.98 -0.16 0.90
N CYS A 25 2.85 -0.52 2.17
CA CYS A 25 3.46 0.28 3.23
C CYS A 25 4.97 0.33 3.11
N ALA A 26 5.50 1.55 3.05
CA ALA A 26 6.94 1.73 2.93
C ALA A 26 7.53 2.15 4.27
N GLY A 27 8.84 2.13 4.34
CA GLY A 27 9.52 2.50 5.56
C GLY A 27 9.74 1.31 6.47
N PRO A 28 10.87 1.28 7.21
CA PRO A 28 11.18 0.18 8.12
C PRO A 28 10.19 0.08 9.28
N LEU A 29 9.46 1.16 9.52
CA LEU A 29 8.48 1.20 10.60
C LEU A 29 7.08 0.91 10.08
N ARG A 30 7.00 0.57 8.78
CA ARG A 30 5.73 0.25 8.13
C ARG A 30 4.74 1.41 8.29
N ALA A 31 5.11 2.55 7.71
CA ALA A 31 4.27 3.75 7.80
C ALA A 31 3.07 3.66 6.86
N THR A 32 2.93 4.64 6.00
CA THR A 32 1.81 4.68 5.07
C THR A 32 2.11 3.85 3.82
N CYS A 33 1.07 3.54 3.07
CA CYS A 33 1.23 2.76 1.85
C CYS A 33 1.71 3.66 0.72
N THR A 34 2.86 3.31 0.19
CA THR A 34 3.45 4.04 -0.91
C THR A 34 3.34 3.19 -2.17
N CYS A 35 2.77 3.75 -3.21
CA CYS A 35 2.58 3.02 -4.44
C CYS A 35 3.37 3.63 -5.60
N GLY A 36 3.24 3.03 -6.78
CA GLY A 36 3.94 3.48 -7.97
C GLY A 36 3.96 4.99 -8.16
N LYS A 37 2.84 5.64 -7.93
CA LYS A 37 2.74 7.08 -8.05
C LYS A 37 2.19 7.68 -6.77
N GLN A 38 2.73 7.21 -5.65
CA GLN A 38 2.30 7.66 -4.32
C GLN A 38 0.84 7.24 -4.11
N GLY A 1 0.61 -1.21 10.09
CA GLY A 1 0.36 0.19 9.67
C GLY A 1 -1.07 0.39 9.23
N PHE A 2 -1.26 1.19 8.18
CA PHE A 2 -2.59 1.45 7.66
C PHE A 2 -3.20 0.17 7.10
N GLY A 3 -2.43 -0.51 6.26
CA GLY A 3 -2.88 -1.75 5.68
C GLY A 3 -2.05 -2.92 6.13
N CYS A 4 -0.85 -3.00 5.60
CA CYS A 4 0.07 -4.08 5.94
C CYS A 4 0.42 -4.08 7.43
N PRO A 5 0.66 -5.27 8.01
CA PRO A 5 0.63 -6.54 7.28
C PRO A 5 -0.74 -7.24 7.34
N PHE A 6 -1.63 -6.73 8.20
CA PHE A 6 -2.96 -7.30 8.35
C PHE A 6 -3.74 -7.24 7.05
N ASN A 7 -4.02 -6.04 6.59
CA ASN A 7 -4.74 -5.84 5.35
C ASN A 7 -3.77 -5.38 4.27
N GLU A 8 -2.67 -6.13 4.15
CA GLU A 8 -1.63 -5.81 3.17
C GLU A 8 -2.21 -5.85 1.76
N ASN A 9 -3.02 -6.86 1.48
CA ASN A 9 -3.66 -6.99 0.18
C ASN A 9 -4.65 -5.86 -0.05
N GLU A 10 -5.28 -5.40 1.03
CA GLU A 10 -6.23 -4.31 0.94
C GLU A 10 -5.48 -3.03 0.62
N CYS A 11 -4.41 -2.77 1.36
CA CYS A 11 -3.58 -1.60 1.14
C CYS A 11 -3.11 -1.56 -0.31
N HIS A 12 -2.70 -2.73 -0.79
CA HIS A 12 -2.24 -2.89 -2.16
C HIS A 12 -3.39 -2.56 -3.13
N ALA A 13 -4.55 -3.17 -2.90
CA ALA A 13 -5.72 -2.95 -3.73
C ALA A 13 -6.18 -1.51 -3.65
N HIS A 14 -6.05 -0.93 -2.46
CA HIS A 14 -6.42 0.46 -2.23
C HIS A 14 -5.63 1.36 -3.17
N CYS A 15 -4.32 1.19 -3.15
CA CYS A 15 -3.44 1.96 -4.02
C CYS A 15 -3.85 1.74 -5.48
N LEU A 16 -4.16 0.49 -5.78
CA LEU A 16 -4.57 0.10 -7.12
C LEU A 16 -5.87 0.80 -7.52
N SER A 17 -6.68 1.16 -6.53
CA SER A 17 -7.95 1.82 -6.76
C SER A 17 -7.78 3.27 -7.23
N ILE A 18 -6.63 3.88 -6.94
CA ILE A 18 -6.41 5.25 -7.35
C ILE A 18 -5.60 5.34 -8.63
N GLY A 19 -5.75 4.32 -9.48
CA GLY A 19 -5.07 4.31 -10.76
C GLY A 19 -3.69 3.66 -10.70
N ARG A 20 -3.08 3.66 -9.52
CA ARG A 20 -1.75 3.08 -9.34
C ARG A 20 -1.78 1.57 -9.63
N LYS A 21 -0.65 1.02 -10.03
CA LYS A 21 -0.57 -0.40 -10.33
C LYS A 21 0.15 -1.17 -9.22
N PHE A 22 0.79 -0.42 -8.33
CA PHE A 22 1.51 -1.00 -7.21
C PHE A 22 1.25 -0.16 -5.98
N GLY A 23 1.52 -0.71 -4.82
CA GLY A 23 1.31 0.01 -3.58
C GLY A 23 1.33 -0.87 -2.36
N PHE A 24 2.01 -0.40 -1.33
CA PHE A 24 2.13 -1.10 -0.06
C PHE A 24 2.82 -0.20 0.94
N CYS A 25 2.87 -0.62 2.20
CA CYS A 25 3.50 0.18 3.23
C CYS A 25 4.99 0.34 2.99
N ALA A 26 5.42 1.57 2.79
CA ALA A 26 6.81 1.88 2.53
C ALA A 26 7.19 3.17 3.25
N GLY A 27 8.48 3.45 3.31
CA GLY A 27 8.96 4.64 3.97
C GLY A 27 9.20 4.39 5.46
N PRO A 28 8.33 4.92 6.34
CA PRO A 28 8.45 4.71 7.79
C PRO A 28 8.03 3.30 8.18
N LEU A 29 8.80 2.31 7.69
CA LEU A 29 8.56 0.90 7.97
C LEU A 29 7.23 0.45 7.34
N ARG A 30 6.73 -0.69 7.79
CA ARG A 30 5.48 -1.22 7.27
C ARG A 30 4.30 -0.55 7.98
N ALA A 31 4.19 0.76 7.79
CA ALA A 31 3.12 1.54 8.41
C ALA A 31 2.29 2.28 7.36
N THR A 32 2.85 3.34 6.81
CA THR A 32 2.15 4.14 5.81
C THR A 32 2.23 3.51 4.42
N CYS A 33 1.07 3.38 3.78
CA CYS A 33 1.02 2.80 2.44
C CYS A 33 1.49 3.80 1.41
N THR A 34 2.37 3.35 0.56
CA THR A 34 2.91 4.16 -0.53
C THR A 34 2.67 3.44 -1.85
N CYS A 35 2.01 4.12 -2.76
CA CYS A 35 1.72 3.54 -4.06
C CYS A 35 2.94 3.63 -4.98
N GLY A 36 2.96 2.78 -6.00
CA GLY A 36 4.07 2.73 -6.94
C GLY A 36 4.30 4.04 -7.67
N LYS A 37 3.25 4.81 -7.83
CA LYS A 37 3.35 6.10 -8.51
C LYS A 37 2.80 7.21 -7.63
N GLN A 38 3.21 7.19 -6.37
CA GLN A 38 2.78 8.18 -5.39
C GLN A 38 1.25 8.17 -5.26
N GLY A 1 -0.75 -1.11 9.66
CA GLY A 1 -1.21 0.14 9.00
C GLY A 1 -2.56 -0.05 8.34
N PHE A 2 -2.77 0.62 7.21
CA PHE A 2 -4.04 0.50 6.50
C PHE A 2 -4.22 -0.91 5.96
N GLY A 3 -3.17 -1.42 5.32
CA GLY A 3 -3.23 -2.75 4.78
C GLY A 3 -2.33 -3.71 5.54
N CYS A 4 -1.05 -3.65 5.25
CA CYS A 4 -0.07 -4.51 5.91
C CYS A 4 0.12 -4.10 7.37
N PRO A 5 0.57 -5.03 8.23
CA PRO A 5 0.88 -6.41 7.85
C PRO A 5 -0.35 -7.31 7.75
N PHE A 6 -1.51 -6.72 7.99
CA PHE A 6 -2.76 -7.46 7.94
C PHE A 6 -3.02 -7.99 6.53
N ASN A 7 -3.34 -7.09 5.60
CA ASN A 7 -3.60 -7.50 4.23
C ASN A 7 -2.95 -6.56 3.21
N GLU A 8 -1.91 -7.08 2.57
CA GLU A 8 -1.21 -6.32 1.55
C GLU A 8 -2.18 -6.02 0.43
N ASN A 9 -3.10 -6.96 0.20
CA ASN A 9 -4.10 -6.80 -0.84
C ASN A 9 -5.03 -5.64 -0.52
N GLU A 10 -5.28 -5.40 0.76
CA GLU A 10 -6.13 -4.28 1.16
C GLU A 10 -5.43 -2.99 0.81
N CYS A 11 -4.16 -2.89 1.20
CA CYS A 11 -3.39 -1.69 0.88
C CYS A 11 -3.23 -1.59 -0.64
N HIS A 12 -2.97 -2.74 -1.24
CA HIS A 12 -2.78 -2.86 -2.68
C HIS A 12 -4.03 -2.43 -3.44
N ALA A 13 -5.18 -3.00 -3.06
CA ALA A 13 -6.45 -2.68 -3.70
C ALA A 13 -6.75 -1.20 -3.58
N HIS A 14 -6.53 -0.65 -2.38
CA HIS A 14 -6.75 0.77 -2.16
C HIS A 14 -5.91 1.57 -3.13
N CYS A 15 -4.62 1.26 -3.15
CA CYS A 15 -3.67 1.93 -4.04
C CYS A 15 -4.12 1.77 -5.49
N LEU A 16 -4.61 0.59 -5.80
CA LEU A 16 -5.09 0.27 -7.14
C LEU A 16 -6.19 1.23 -7.58
N SER A 17 -6.98 1.68 -6.61
CA SER A 17 -8.08 2.60 -6.88
C SER A 17 -7.59 4.02 -7.15
N ILE A 18 -6.41 4.37 -6.66
CA ILE A 18 -5.89 5.72 -6.86
C ILE A 18 -4.88 5.78 -8.00
N GLY A 19 -5.07 4.90 -8.99
CA GLY A 19 -4.20 4.89 -10.15
C GLY A 19 -2.99 4.00 -10.00
N ARG A 20 -2.52 3.82 -8.78
CA ARG A 20 -1.34 3.00 -8.52
C ARG A 20 -1.63 1.54 -8.88
N LYS A 21 -0.62 0.84 -9.39
CA LYS A 21 -0.80 -0.55 -9.77
C LYS A 21 -0.11 -1.49 -8.78
N PHE A 22 1.08 -1.11 -8.36
CA PHE A 22 1.83 -1.90 -7.40
C PHE A 22 2.30 -1.03 -6.25
N GLY A 23 2.62 -1.67 -5.14
CA GLY A 23 3.07 -0.96 -3.96
C GLY A 23 2.58 -1.63 -2.69
N PHE A 24 3.19 -1.27 -1.57
CA PHE A 24 2.83 -1.84 -0.28
C PHE A 24 3.35 -0.95 0.84
N CYS A 25 3.13 -1.36 2.07
CA CYS A 25 3.59 -0.59 3.22
C CYS A 25 5.11 -0.59 3.32
N ALA A 26 5.69 0.58 3.09
CA ALA A 26 7.13 0.75 3.15
C ALA A 26 7.49 1.91 4.07
N GLY A 27 8.70 2.44 3.94
CA GLY A 27 9.13 3.54 4.76
C GLY A 27 9.55 3.10 6.14
N PRO A 28 10.12 4.01 6.95
CA PRO A 28 10.58 3.71 8.31
C PRO A 28 9.43 3.37 9.25
N LEU A 29 8.25 3.90 8.94
CA LEU A 29 7.06 3.66 9.76
C LEU A 29 6.59 2.22 9.60
N ARG A 30 6.91 1.64 8.43
CA ARG A 30 6.56 0.25 8.10
C ARG A 30 5.07 0.06 7.87
N ALA A 31 4.25 0.86 8.52
CA ALA A 31 2.80 0.77 8.38
C ALA A 31 2.27 1.76 7.35
N THR A 32 3.19 2.53 6.77
CA THR A 32 2.83 3.52 5.78
C THR A 32 2.85 2.93 4.37
N CYS A 33 1.69 2.94 3.71
CA CYS A 33 1.60 2.41 2.35
C CYS A 33 2.37 3.29 1.38
N THR A 34 3.11 2.67 0.50
CA THR A 34 3.91 3.35 -0.49
C THR A 34 3.85 2.61 -1.81
N CYS A 35 3.41 3.29 -2.86
CA CYS A 35 3.30 2.68 -4.16
C CYS A 35 4.28 3.27 -5.16
N GLY A 36 4.36 2.65 -6.34
CA GLY A 36 5.27 3.11 -7.38
C GLY A 36 5.00 4.53 -7.83
N LYS A 37 3.77 4.97 -7.66
CA LYS A 37 3.37 6.32 -8.04
C LYS A 37 2.95 7.09 -6.80
N GLN A 38 3.65 6.81 -5.70
CA GLN A 38 3.38 7.45 -4.40
C GLN A 38 2.01 7.03 -3.89
N GLY A 1 1.25 -2.33 9.13
CA GLY A 1 0.67 -1.10 8.54
C GLY A 1 -0.78 -1.30 8.18
N PHE A 2 -1.23 -0.62 7.14
CA PHE A 2 -2.61 -0.74 6.69
C PHE A 2 -2.86 -2.13 6.12
N GLY A 3 -2.15 -2.47 5.05
CA GLY A 3 -2.31 -3.77 4.44
C GLY A 3 -1.26 -4.74 4.92
N CYS A 4 -0.01 -4.48 4.56
CA CYS A 4 1.10 -5.33 4.95
C CYS A 4 1.36 -5.26 6.45
N PRO A 5 1.77 -6.39 7.05
CA PRO A 5 1.96 -7.66 6.38
C PRO A 5 0.72 -8.56 6.43
N PHE A 6 -0.36 -8.01 6.97
CA PHE A 6 -1.61 -8.74 7.10
C PHE A 6 -2.17 -9.16 5.74
N ASN A 7 -2.55 -8.20 4.93
CA ASN A 7 -3.11 -8.50 3.62
C ASN A 7 -2.53 -7.61 2.52
N GLU A 8 -1.64 -8.20 1.73
CA GLU A 8 -1.02 -7.52 0.61
C GLU A 8 -2.10 -7.09 -0.36
N ASN A 9 -3.03 -8.00 -0.61
CA ASN A 9 -4.15 -7.75 -1.52
C ASN A 9 -4.93 -6.52 -1.10
N GLU A 10 -5.07 -6.30 0.20
CA GLU A 10 -5.79 -5.14 0.72
C GLU A 10 -5.00 -3.87 0.45
N CYS A 11 -3.71 -3.89 0.79
CA CYS A 11 -2.86 -2.73 0.55
C CYS A 11 -2.80 -2.47 -0.96
N HIS A 12 -2.69 -3.57 -1.70
CA HIS A 12 -2.64 -3.53 -3.15
C HIS A 12 -3.95 -2.98 -3.71
N ALA A 13 -5.06 -3.49 -3.19
CA ALA A 13 -6.39 -3.04 -3.61
C ALA A 13 -6.55 -1.55 -3.33
N HIS A 14 -6.07 -1.12 -2.17
CA HIS A 14 -6.12 0.30 -1.81
C HIS A 14 -5.48 1.11 -2.92
N CYS A 15 -4.22 0.79 -3.19
CA CYS A 15 -3.48 1.47 -4.25
C CYS A 15 -4.19 1.33 -5.59
N LEU A 16 -4.76 0.16 -5.80
CA LEU A 16 -5.49 -0.15 -7.04
C LEU A 16 -6.71 0.75 -7.19
N SER A 17 -7.24 1.21 -6.05
CA SER A 17 -8.43 2.05 -6.05
C SER A 17 -8.10 3.49 -6.45
N ILE A 18 -6.81 3.85 -6.45
CA ILE A 18 -6.43 5.20 -6.82
C ILE A 18 -5.74 5.22 -8.18
N GLY A 19 -6.00 4.19 -8.97
CA GLY A 19 -5.44 4.12 -10.31
C GLY A 19 -4.13 3.37 -10.38
N ARG A 20 -3.32 3.49 -9.33
CA ARG A 20 -2.02 2.84 -9.27
C ARG A 20 -2.17 1.31 -9.40
N LYS A 21 -1.23 0.67 -10.08
CA LYS A 21 -1.30 -0.77 -10.27
C LYS A 21 -0.53 -1.53 -9.19
N PHE A 22 0.40 -0.84 -8.54
CA PHE A 22 1.18 -1.46 -7.48
C PHE A 22 1.32 -0.51 -6.31
N GLY A 23 1.62 -1.07 -5.15
CA GLY A 23 1.79 -0.28 -3.95
C GLY A 23 1.88 -1.15 -2.73
N PHE A 24 2.69 -0.72 -1.76
CA PHE A 24 2.87 -1.47 -0.53
C PHE A 24 3.25 -0.52 0.61
N CYS A 25 3.21 -1.01 1.83
CA CYS A 25 3.53 -0.22 3.00
C CYS A 25 5.01 0.19 3.01
N ALA A 26 5.25 1.48 3.10
CA ALA A 26 6.60 2.01 3.12
C ALA A 26 6.81 2.85 4.37
N GLY A 27 8.08 3.06 4.71
CA GLY A 27 8.41 3.83 5.90
C GLY A 27 8.15 3.05 7.17
N PRO A 28 9.18 2.43 7.75
CA PRO A 28 9.04 1.62 8.98
C PRO A 28 8.52 2.40 10.19
N LEU A 29 8.46 3.71 10.07
CA LEU A 29 7.99 4.56 11.16
C LEU A 29 6.48 4.80 11.07
N ARG A 30 5.88 4.38 9.95
CA ARG A 30 4.44 4.58 9.76
C ARG A 30 3.78 3.35 9.16
N ALA A 31 4.48 2.69 8.26
CA ALA A 31 3.99 1.48 7.58
C ALA A 31 2.75 1.81 6.74
N THR A 32 2.73 3.03 6.24
CA THR A 32 1.64 3.50 5.41
C THR A 32 1.81 2.99 3.98
N CYS A 33 0.74 2.51 3.37
CA CYS A 33 0.82 2.01 2.01
C CYS A 33 1.17 3.13 1.04
N THR A 34 2.23 2.89 0.33
CA THR A 34 2.73 3.82 -0.68
C THR A 34 2.71 3.14 -2.03
N CYS A 35 2.03 3.74 -2.98
CA CYS A 35 1.91 3.18 -4.30
C CYS A 35 3.16 3.43 -5.14
N GLY A 36 3.26 2.74 -6.28
CA GLY A 36 4.41 2.88 -7.16
C GLY A 36 4.74 4.32 -7.51
N LYS A 37 3.71 5.13 -7.69
CA LYS A 37 3.89 6.53 -8.01
C LYS A 37 3.15 7.41 -7.02
N GLN A 38 3.26 7.05 -5.74
CA GLN A 38 2.60 7.76 -4.66
C GLN A 38 1.08 7.74 -4.86
N GLY A 1 2.82 -3.87 8.53
CA GLY A 1 2.32 -2.50 8.23
C GLY A 1 0.82 -2.42 8.36
N PHE A 2 0.22 -1.36 7.82
CA PHE A 2 -1.22 -1.17 7.87
C PHE A 2 -1.92 -2.30 7.12
N GLY A 3 -1.35 -2.67 5.98
CA GLY A 3 -1.93 -3.73 5.19
C GLY A 3 -1.10 -5.00 5.27
N CYS A 4 0.08 -4.97 4.65
CA CYS A 4 0.97 -6.12 4.63
C CYS A 4 1.37 -6.54 6.04
N PRO A 5 1.42 -7.85 6.31
CA PRO A 5 1.12 -8.90 5.32
C PRO A 5 -0.30 -9.45 5.46
N PHE A 6 -1.08 -8.88 6.36
CA PHE A 6 -2.44 -9.33 6.62
C PHE A 6 -3.38 -9.02 5.45
N ASN A 7 -3.47 -7.75 5.09
CA ASN A 7 -4.34 -7.33 4.01
C ASN A 7 -3.60 -6.43 3.03
N GLU A 8 -2.40 -6.85 2.67
CA GLU A 8 -1.57 -6.10 1.74
C GLU A 8 -2.27 -5.94 0.39
N ASN A 9 -2.92 -7.01 -0.05
CA ASN A 9 -3.65 -6.99 -1.32
C ASN A 9 -4.82 -6.03 -1.26
N GLU A 10 -5.35 -5.81 -0.06
CA GLU A 10 -6.46 -4.88 0.12
C GLU A 10 -5.96 -3.46 0.03
N CYS A 11 -4.85 -3.20 0.70
CA CYS A 11 -4.24 -1.88 0.65
C CYS A 11 -3.76 -1.63 -0.78
N HIS A 12 -3.36 -2.72 -1.43
CA HIS A 12 -2.91 -2.68 -2.82
C HIS A 12 -4.11 -2.35 -3.69
N ALA A 13 -5.23 -3.02 -3.42
CA ALA A 13 -6.47 -2.80 -4.17
C ALA A 13 -6.88 -1.35 -4.00
N HIS A 14 -6.70 -0.84 -2.77
CA HIS A 14 -6.99 0.55 -2.48
C HIS A 14 -6.19 1.44 -3.42
N CYS A 15 -4.88 1.19 -3.46
CA CYS A 15 -3.99 1.95 -4.34
C CYS A 15 -4.50 1.88 -5.78
N LEU A 16 -4.95 0.69 -6.16
CA LEU A 16 -5.48 0.45 -7.49
C LEU A 16 -6.67 1.36 -7.77
N SER A 17 -7.46 1.64 -6.73
CA SER A 17 -8.64 2.48 -6.86
C SER A 17 -8.26 3.93 -7.17
N ILE A 18 -7.03 4.32 -6.87
CA ILE A 18 -6.59 5.68 -7.13
C ILE A 18 -5.63 5.71 -8.32
N GLY A 19 -5.72 4.71 -9.17
CA GLY A 19 -4.89 4.64 -10.37
C GLY A 19 -3.48 4.18 -10.09
N ARG A 20 -3.23 3.66 -8.90
CA ARG A 20 -1.90 3.18 -8.55
C ARG A 20 -1.82 1.67 -8.80
N LYS A 21 -0.99 1.28 -9.74
CA LYS A 21 -0.84 -0.14 -10.11
C LYS A 21 -0.23 -0.96 -8.99
N PHE A 22 0.66 -0.35 -8.23
CA PHE A 22 1.32 -1.04 -7.13
C PHE A 22 1.04 -0.33 -5.81
N GLY A 23 1.49 -0.92 -4.72
CA GLY A 23 1.27 -0.33 -3.42
C GLY A 23 1.54 -1.31 -2.30
N PHE A 24 2.38 -0.92 -1.37
CA PHE A 24 2.73 -1.75 -0.23
C PHE A 24 3.15 -0.88 0.95
N CYS A 25 3.01 -1.39 2.15
CA CYS A 25 3.35 -0.65 3.35
C CYS A 25 4.86 -0.50 3.47
N ALA A 26 5.31 0.73 3.69
CA ALA A 26 6.75 0.99 3.80
C ALA A 26 7.03 2.13 4.77
N GLY A 27 7.97 1.91 5.67
CA GLY A 27 8.32 2.93 6.64
C GLY A 27 8.49 2.36 8.03
N PRO A 28 9.67 2.53 8.64
CA PRO A 28 9.95 2.01 10.00
C PRO A 28 9.01 2.62 11.04
N LEU A 29 8.78 3.92 10.92
CA LEU A 29 7.89 4.62 11.84
C LEU A 29 6.64 5.09 11.10
N ARG A 30 6.34 4.41 10.01
CA ARG A 30 5.19 4.73 9.20
C ARG A 30 4.70 3.48 8.47
N ALA A 31 3.82 2.73 9.11
CA ALA A 31 3.30 1.50 8.56
C ALA A 31 2.31 1.73 7.41
N THR A 32 2.18 2.97 6.98
CA THR A 32 1.27 3.33 5.90
C THR A 32 1.70 2.71 4.57
N CYS A 33 0.74 2.53 3.68
CA CYS A 33 1.01 1.96 2.38
C CYS A 33 1.47 3.01 1.40
N THR A 34 2.45 2.65 0.60
CA THR A 34 2.99 3.52 -0.42
C THR A 34 2.66 2.93 -1.78
N CYS A 35 1.83 3.63 -2.54
CA CYS A 35 1.44 3.17 -3.86
C CYS A 35 2.59 3.32 -4.85
N GLY A 36 2.56 2.53 -5.91
CA GLY A 36 3.60 2.56 -6.93
C GLY A 36 3.73 3.90 -7.61
N LYS A 37 2.68 4.69 -7.56
CA LYS A 37 2.68 6.01 -8.17
C LYS A 37 2.31 7.07 -7.16
N GLN A 38 2.86 6.94 -5.96
CA GLN A 38 2.62 7.88 -4.87
C GLN A 38 1.13 7.95 -4.56
N GLY A 1 1.93 -2.37 9.13
CA GLY A 1 1.49 -1.03 8.67
C GLY A 1 0.01 -0.83 8.87
N PHE A 2 -0.60 0.03 8.07
CA PHE A 2 -2.03 0.29 8.15
C PHE A 2 -2.80 -1.02 7.93
N GLY A 3 -2.56 -1.64 6.78
CA GLY A 3 -3.21 -2.89 6.48
C GLY A 3 -2.22 -4.03 6.48
N CYS A 4 -1.17 -3.87 5.69
CA CYS A 4 -0.10 -4.85 5.56
C CYS A 4 0.47 -5.26 6.92
N PRO A 5 0.76 -6.56 7.10
CA PRO A 5 0.57 -7.58 6.08
C PRO A 5 -0.81 -8.24 6.11
N PHE A 6 -1.58 -7.95 7.15
CA PHE A 6 -2.92 -8.53 7.30
C PHE A 6 -3.82 -8.10 6.15
N ASN A 7 -4.04 -6.80 6.05
CA ASN A 7 -4.87 -6.25 4.99
C ASN A 7 -4.00 -5.80 3.83
N GLU A 8 -3.04 -6.66 3.47
CA GLU A 8 -2.12 -6.36 2.37
C GLU A 8 -2.88 -6.21 1.08
N ASN A 9 -3.82 -7.12 0.85
CA ASN A 9 -4.64 -7.08 -0.36
C ASN A 9 -5.49 -5.81 -0.39
N GLU A 10 -5.92 -5.36 0.79
CA GLU A 10 -6.73 -4.16 0.89
C GLU A 10 -5.90 -2.93 0.59
N CYS A 11 -4.75 -2.80 1.24
CA CYS A 11 -3.87 -1.66 1.03
C CYS A 11 -3.45 -1.60 -0.44
N HIS A 12 -3.13 -2.77 -0.99
CA HIS A 12 -2.74 -2.87 -2.38
C HIS A 12 -3.89 -2.47 -3.29
N ALA A 13 -5.08 -3.00 -3.02
CA ALA A 13 -6.27 -2.69 -3.80
C ALA A 13 -6.59 -1.21 -3.70
N HIS A 14 -6.44 -0.66 -2.50
CA HIS A 14 -6.68 0.75 -2.25
C HIS A 14 -5.83 1.58 -3.20
N CYS A 15 -4.53 1.32 -3.19
CA CYS A 15 -3.59 2.01 -4.05
C CYS A 15 -4.01 1.89 -5.52
N LEU A 16 -4.47 0.70 -5.86
CA LEU A 16 -4.92 0.41 -7.22
C LEU A 16 -6.15 1.26 -7.57
N SER A 17 -6.93 1.61 -6.56
CA SER A 17 -8.13 2.41 -6.76
C SER A 17 -7.80 3.87 -7.01
N ILE A 18 -6.56 4.28 -6.73
CA ILE A 18 -6.18 5.67 -6.94
C ILE A 18 -5.37 5.83 -8.22
N GLY A 19 -5.49 4.87 -9.13
CA GLY A 19 -4.79 4.94 -10.39
C GLY A 19 -3.35 4.46 -10.30
N ARG A 20 -3.02 3.74 -9.25
CA ARG A 20 -1.67 3.22 -9.08
C ARG A 20 -1.66 1.73 -9.37
N LYS A 21 -0.60 1.27 -10.01
CA LYS A 21 -0.49 -0.14 -10.40
C LYS A 21 -0.02 -1.00 -9.23
N PHE A 22 0.65 -0.38 -8.27
CA PHE A 22 1.15 -1.08 -7.10
C PHE A 22 0.94 -0.23 -5.87
N GLY A 23 1.17 -0.82 -4.71
CA GLY A 23 1.00 -0.10 -3.47
C GLY A 23 0.94 -1.01 -2.28
N PHE A 24 1.58 -0.58 -1.19
CA PHE A 24 1.60 -1.31 0.06
C PHE A 24 2.27 -0.45 1.12
N CYS A 25 2.14 -0.84 2.38
CA CYS A 25 2.73 -0.11 3.48
C CYS A 25 4.24 -0.06 3.33
N ALA A 26 4.79 1.15 3.25
CA ALA A 26 6.22 1.32 3.09
C ALA A 26 6.71 2.50 3.93
N GLY A 27 7.87 3.03 3.58
CA GLY A 27 8.44 4.13 4.31
C GLY A 27 9.30 3.67 5.46
N PRO A 28 9.95 4.59 6.19
CA PRO A 28 10.82 4.24 7.32
C PRO A 28 10.04 3.66 8.50
N LEU A 29 8.73 3.87 8.49
CA LEU A 29 7.88 3.38 9.57
C LEU A 29 7.16 2.11 9.13
N ARG A 30 7.13 1.87 7.83
CA ARG A 30 6.47 0.68 7.25
C ARG A 30 4.99 0.63 7.67
N ALA A 31 4.40 1.80 7.88
CA ALA A 31 3.01 1.89 8.32
C ALA A 31 2.10 2.40 7.21
N THR A 32 2.31 3.64 6.81
CA THR A 32 1.51 4.27 5.76
C THR A 32 1.67 3.54 4.42
N CYS A 33 0.56 3.39 3.70
CA CYS A 33 0.58 2.73 2.41
C CYS A 33 1.20 3.64 1.37
N THR A 34 2.17 3.11 0.67
CA THR A 34 2.85 3.83 -0.39
C THR A 34 2.58 3.14 -1.71
N CYS A 35 2.02 3.87 -2.65
CA CYS A 35 1.68 3.31 -3.94
C CYS A 35 2.86 3.41 -4.91
N GLY A 36 2.74 2.73 -6.04
CA GLY A 36 3.79 2.72 -7.05
C GLY A 36 4.22 4.11 -7.50
N LYS A 37 3.26 5.02 -7.59
CA LYS A 37 3.54 6.38 -8.00
C LYS A 37 3.04 7.35 -6.95
N GLN A 38 3.33 7.03 -5.68
CA GLN A 38 2.91 7.85 -4.55
C GLN A 38 1.40 7.96 -4.53
N GLY A 1 1.44 -3.45 9.32
CA GLY A 1 1.12 -2.10 8.82
C GLY A 1 -0.29 -2.01 8.31
N PHE A 2 -0.54 -1.13 7.35
CA PHE A 2 -1.86 -0.96 6.78
C PHE A 2 -2.32 -2.24 6.09
N GLY A 3 -1.55 -2.70 5.11
CA GLY A 3 -1.90 -3.90 4.40
C GLY A 3 -1.12 -5.10 4.91
N CYS A 4 0.18 -5.13 4.61
CA CYS A 4 1.03 -6.22 5.04
C CYS A 4 1.30 -6.14 6.54
N PRO A 5 1.55 -7.28 7.21
CA PRO A 5 1.57 -8.61 6.58
C PRO A 5 0.21 -9.29 6.59
N PHE A 6 -0.82 -8.51 6.92
CA PHE A 6 -2.18 -9.03 6.98
C PHE A 6 -2.69 -9.39 5.58
N ASN A 7 -2.90 -8.37 4.76
CA ASN A 7 -3.39 -8.60 3.40
C ASN A 7 -2.64 -7.73 2.39
N GLU A 8 -1.67 -8.34 1.71
CA GLU A 8 -0.89 -7.63 0.71
C GLU A 8 -1.77 -7.21 -0.45
N ASN A 9 -2.73 -8.07 -0.80
CA ASN A 9 -3.66 -7.78 -1.89
C ASN A 9 -4.58 -6.64 -1.50
N GLU A 10 -4.91 -6.52 -0.22
CA GLU A 10 -5.77 -5.42 0.24
C GLU A 10 -5.01 -4.12 0.09
N CYS A 11 -3.74 -4.14 0.49
CA CYS A 11 -2.88 -2.96 0.36
C CYS A 11 -2.75 -2.62 -1.11
N HIS A 12 -2.57 -3.65 -1.93
CA HIS A 12 -2.44 -3.50 -3.36
C HIS A 12 -3.74 -2.96 -3.95
N ALA A 13 -4.86 -3.52 -3.51
CA ALA A 13 -6.18 -3.10 -3.96
C ALA A 13 -6.41 -1.64 -3.59
N HIS A 14 -6.00 -1.28 -2.38
CA HIS A 14 -6.11 0.09 -1.90
C HIS A 14 -5.43 1.02 -2.90
N CYS A 15 -4.17 0.73 -3.16
CA CYS A 15 -3.38 1.51 -4.11
C CYS A 15 -4.09 1.57 -5.46
N LEU A 16 -4.65 0.45 -5.87
CA LEU A 16 -5.37 0.35 -7.13
C LEU A 16 -6.55 1.32 -7.16
N SER A 17 -7.15 1.54 -5.99
CA SER A 17 -8.31 2.41 -5.87
C SER A 17 -7.95 3.88 -6.09
N ILE A 18 -6.68 4.23 -5.91
CA ILE A 18 -6.26 5.61 -6.10
C ILE A 18 -5.59 5.80 -7.45
N GLY A 19 -5.98 4.97 -8.41
CA GLY A 19 -5.44 5.06 -9.75
C GLY A 19 -4.08 4.39 -9.90
N ARG A 20 -3.44 4.08 -8.80
CA ARG A 20 -2.13 3.44 -8.83
C ARG A 20 -2.25 2.01 -9.33
N LYS A 21 -1.14 1.42 -9.74
CA LYS A 21 -1.16 0.05 -10.25
C LYS A 21 -0.56 -0.92 -9.24
N PHE A 22 0.47 -0.48 -8.57
CA PHE A 22 1.14 -1.30 -7.56
C PHE A 22 1.40 -0.48 -6.32
N GLY A 23 1.71 -1.17 -5.23
CA GLY A 23 1.99 -0.51 -3.98
C GLY A 23 2.08 -1.49 -2.83
N PHE A 24 2.79 -1.09 -1.78
CA PHE A 24 2.96 -1.92 -0.60
C PHE A 24 3.28 -1.04 0.60
N CYS A 25 3.37 -1.63 1.77
CA CYS A 25 3.65 -0.86 2.98
C CYS A 25 5.11 -0.38 3.01
N ALA A 26 5.29 0.88 3.32
CA ALA A 26 6.60 1.49 3.41
C ALA A 26 6.64 2.52 4.51
N GLY A 27 7.85 2.94 4.90
CA GLY A 27 8.00 3.92 5.95
C GLY A 27 7.75 3.34 7.32
N PRO A 28 8.79 2.89 8.02
CA PRO A 28 8.66 2.28 9.36
C PRO A 28 8.11 3.25 10.41
N LEU A 29 7.99 4.51 10.05
CA LEU A 29 7.47 5.52 10.97
C LEU A 29 5.95 5.58 10.93
N ARG A 30 5.34 4.73 10.12
CA ARG A 30 3.88 4.70 10.01
C ARG A 30 3.39 3.33 9.55
N ALA A 31 4.21 2.66 8.74
CA ALA A 31 3.89 1.33 8.22
C ALA A 31 2.65 1.36 7.34
N THR A 32 2.42 2.50 6.69
CA THR A 32 1.28 2.68 5.82
C THR A 32 1.63 2.19 4.42
N CYS A 33 0.64 2.14 3.54
CA CYS A 33 0.89 1.67 2.19
C CYS A 33 1.32 2.81 1.28
N THR A 34 2.38 2.56 0.55
CA THR A 34 2.92 3.50 -0.40
C THR A 34 2.92 2.86 -1.78
N CYS A 35 2.26 3.52 -2.71
CA CYS A 35 2.16 2.99 -4.06
C CYS A 35 3.37 3.36 -4.91
N GLY A 36 3.54 2.66 -6.02
CA GLY A 36 4.67 2.90 -6.92
C GLY A 36 4.60 4.26 -7.57
N LYS A 37 3.48 4.92 -7.43
CA LYS A 37 3.28 6.25 -7.98
C LYS A 37 2.81 7.19 -6.89
N GLN A 38 3.35 6.96 -5.68
CA GLN A 38 3.01 7.76 -4.51
C GLN A 38 1.53 7.59 -4.15
N GLY A 1 0.23 -3.05 9.92
CA GLY A 1 0.16 -1.60 9.63
C GLY A 1 -1.15 -1.23 8.99
N PHE A 2 -1.12 -0.25 8.08
CA PHE A 2 -2.32 0.19 7.39
C PHE A 2 -2.81 -0.92 6.46
N GLY A 3 -1.87 -1.60 5.84
CA GLY A 3 -2.21 -2.69 4.95
C GLY A 3 -1.72 -4.02 5.48
N CYS A 4 -0.53 -4.40 5.09
CA CYS A 4 0.06 -5.66 5.52
C CYS A 4 0.31 -5.66 7.03
N PRO A 5 0.47 -6.86 7.64
CA PRO A 5 0.43 -8.14 6.94
C PRO A 5 -0.99 -8.71 6.85
N PHE A 6 -1.96 -7.92 7.29
CA PHE A 6 -3.35 -8.36 7.30
C PHE A 6 -4.07 -7.99 5.99
N ASN A 7 -4.35 -6.71 5.82
CA ASN A 7 -5.09 -6.24 4.65
C ASN A 7 -4.17 -5.68 3.57
N GLU A 8 -3.22 -6.49 3.12
CA GLU A 8 -2.30 -6.06 2.08
C GLU A 8 -3.03 -6.03 0.76
N ASN A 9 -3.77 -7.09 0.46
CA ASN A 9 -4.52 -7.19 -0.78
C ASN A 9 -5.49 -6.03 -0.91
N GLU A 10 -6.08 -5.66 0.22
CA GLU A 10 -7.04 -4.57 0.27
C GLU A 10 -6.36 -3.24 0.03
N CYS A 11 -5.27 -2.98 0.74
CA CYS A 11 -4.52 -1.74 0.57
C CYS A 11 -3.94 -1.68 -0.83
N HIS A 12 -3.45 -2.84 -1.28
CA HIS A 12 -2.86 -3.00 -2.61
C HIS A 12 -3.90 -2.71 -3.69
N ALA A 13 -5.04 -3.41 -3.61
CA ALA A 13 -6.11 -3.23 -4.58
C ALA A 13 -6.62 -1.81 -4.58
N HIS A 14 -6.76 -1.23 -3.38
CA HIS A 14 -7.21 0.15 -3.26
C HIS A 14 -6.31 1.08 -4.03
N CYS A 15 -5.01 0.99 -3.75
CA CYS A 15 -4.01 1.81 -4.41
C CYS A 15 -4.09 1.62 -5.93
N LEU A 16 -4.27 0.38 -6.32
CA LEU A 16 -4.37 0.02 -7.73
C LEU A 16 -5.60 0.65 -8.38
N SER A 17 -6.62 0.90 -7.57
CA SER A 17 -7.85 1.50 -8.05
C SER A 17 -7.68 3.00 -8.32
N ILE A 18 -6.64 3.60 -7.77
CA ILE A 18 -6.41 5.02 -7.98
C ILE A 18 -5.36 5.28 -9.06
N GLY A 19 -5.28 4.36 -10.02
CA GLY A 19 -4.36 4.52 -11.13
C GLY A 19 -2.99 3.88 -10.90
N ARG A 20 -2.70 3.51 -9.68
CA ARG A 20 -1.41 2.91 -9.36
C ARG A 20 -1.34 1.47 -9.87
N LYS A 21 -0.14 1.01 -10.21
CA LYS A 21 0.03 -0.35 -10.72
C LYS A 21 0.68 -1.25 -9.67
N PHE A 22 1.66 -0.71 -8.99
CA PHE A 22 2.38 -1.45 -7.95
C PHE A 22 2.55 -0.57 -6.72
N GLY A 23 2.73 -1.22 -5.59
CA GLY A 23 2.90 -0.51 -4.34
C GLY A 23 2.48 -1.37 -3.16
N PHE A 24 3.02 -1.06 -1.99
CA PHE A 24 2.71 -1.82 -0.78
C PHE A 24 3.27 -1.08 0.43
N CYS A 25 3.07 -1.62 1.62
CA CYS A 25 3.57 -0.98 2.83
C CYS A 25 5.09 -0.91 2.84
N ALA A 26 5.60 0.31 2.64
CA ALA A 26 7.05 0.54 2.61
C ALA A 26 7.34 2.03 2.73
N GLY A 27 8.58 2.37 3.05
CA GLY A 27 8.95 3.76 3.17
C GLY A 27 9.59 4.07 4.51
N PRO A 28 8.82 4.64 5.46
CA PRO A 28 9.32 4.99 6.78
C PRO A 28 9.34 3.78 7.73
N LEU A 29 9.56 4.06 9.01
CA LEU A 29 9.59 3.01 10.02
C LEU A 29 8.17 2.63 10.45
N ARG A 30 7.27 2.62 9.48
CA ARG A 30 5.87 2.29 9.73
C ARG A 30 5.32 1.53 8.52
N ALA A 31 4.45 0.57 8.78
CA ALA A 31 3.87 -0.23 7.71
C ALA A 31 2.74 0.52 7.01
N THR A 32 3.13 1.54 6.25
CA THR A 32 2.19 2.34 5.49
C THR A 32 2.31 2.01 4.01
N CYS A 33 1.18 1.78 3.35
CA CYS A 33 1.19 1.43 1.94
C CYS A 33 1.59 2.61 1.07
N THR A 34 2.67 2.42 0.34
CA THR A 34 3.18 3.42 -0.57
C THR A 34 3.35 2.82 -1.95
N CYS A 35 2.84 3.48 -2.97
CA CYS A 35 2.92 2.99 -4.32
C CYS A 35 3.94 3.78 -5.14
N GLY A 36 4.26 3.27 -6.33
CA GLY A 36 5.22 3.92 -7.20
C GLY A 36 4.75 5.29 -7.65
N LYS A 37 3.44 5.48 -7.61
CA LYS A 37 2.84 6.74 -8.00
C LYS A 37 2.05 7.30 -6.83
N GLN A 38 2.67 7.27 -5.65
CA GLN A 38 2.08 7.75 -4.40
C GLN A 38 1.02 6.76 -3.91
N GLY A 1 2.16 -3.62 9.17
CA GLY A 1 1.93 -2.22 8.77
C GLY A 1 0.46 -1.90 8.73
N PHE A 2 0.07 -0.95 7.88
CA PHE A 2 -1.33 -0.57 7.74
C PHE A 2 -2.18 -1.78 7.38
N GLY A 3 -1.88 -2.36 6.23
CA GLY A 3 -2.61 -3.54 5.79
C GLY A 3 -1.71 -4.75 5.72
N CYS A 4 -0.57 -4.57 5.08
CA CYS A 4 0.41 -5.65 4.90
C CYS A 4 1.02 -6.07 6.23
N PRO A 5 1.37 -7.35 6.37
CA PRO A 5 1.19 -8.35 5.33
C PRO A 5 -0.13 -9.13 5.46
N PHE A 6 -0.83 -8.89 6.57
CA PHE A 6 -2.09 -9.56 6.86
C PHE A 6 -3.12 -9.31 5.76
N ASN A 7 -3.52 -8.06 5.60
CA ASN A 7 -4.49 -7.70 4.57
C ASN A 7 -3.81 -6.91 3.47
N GLU A 8 -2.64 -7.40 3.06
CA GLU A 8 -1.86 -6.76 2.02
C GLU A 8 -2.62 -6.73 0.71
N ASN A 9 -3.36 -7.81 0.44
CA ASN A 9 -4.15 -7.90 -0.79
C ASN A 9 -5.13 -6.75 -0.87
N GLU A 10 -5.75 -6.41 0.26
CA GLU A 10 -6.72 -5.32 0.29
C GLU A 10 -6.00 -3.99 0.14
N CYS A 11 -4.90 -3.83 0.85
CA CYS A 11 -4.10 -2.61 0.78
C CYS A 11 -3.62 -2.39 -0.65
N HIS A 12 -3.09 -3.46 -1.22
CA HIS A 12 -2.59 -3.44 -2.59
C HIS A 12 -3.74 -3.14 -3.57
N ALA A 13 -4.86 -3.82 -3.39
CA ALA A 13 -6.03 -3.61 -4.24
C ALA A 13 -6.52 -2.17 -4.15
N HIS A 14 -6.57 -1.65 -2.92
CA HIS A 14 -7.00 -0.28 -2.69
C HIS A 14 -6.11 0.67 -3.48
N CYS A 15 -4.81 0.47 -3.34
CA CYS A 15 -3.83 1.29 -4.04
C CYS A 15 -4.11 1.28 -5.55
N LEU A 16 -4.40 0.10 -6.06
CA LEU A 16 -4.70 -0.08 -7.47
C LEU A 16 -5.99 0.65 -7.85
N SER A 17 -6.88 0.80 -6.87
CA SER A 17 -8.15 1.47 -7.11
C SER A 17 -7.97 2.99 -7.23
N ILE A 18 -6.82 3.51 -6.78
CA ILE A 18 -6.57 4.95 -6.86
C ILE A 18 -5.80 5.27 -8.13
N GLY A 19 -5.91 4.41 -9.12
CA GLY A 19 -5.23 4.63 -10.40
C GLY A 19 -3.82 4.07 -10.43
N ARG A 20 -3.26 3.81 -9.25
CA ARG A 20 -1.90 3.29 -9.15
C ARG A 20 -1.84 1.85 -9.67
N LYS A 21 -0.66 1.40 -10.05
CA LYS A 21 -0.49 0.06 -10.57
C LYS A 21 0.17 -0.86 -9.56
N PHE A 22 0.97 -0.29 -8.68
CA PHE A 22 1.66 -1.04 -7.65
C PHE A 22 1.72 -0.22 -6.37
N GLY A 23 1.80 -0.90 -5.24
CA GLY A 23 1.86 -0.23 -3.97
C GLY A 23 1.66 -1.17 -2.81
N PHE A 24 2.27 -0.85 -1.68
CA PHE A 24 2.18 -1.65 -0.47
C PHE A 24 2.76 -0.86 0.69
N CYS A 25 2.77 -1.44 1.88
CA CYS A 25 3.30 -0.76 3.05
C CYS A 25 4.78 -0.43 2.87
N ALA A 26 5.06 0.86 2.72
CA ALA A 26 6.43 1.32 2.52
C ALA A 26 6.72 2.54 3.39
N GLY A 27 7.69 2.40 4.28
CA GLY A 27 8.06 3.49 5.16
C GLY A 27 8.36 3.00 6.55
N PRO A 28 9.64 3.01 6.97
CA PRO A 28 10.05 2.54 8.29
C PRO A 28 9.32 3.25 9.43
N LEU A 29 9.25 4.58 9.35
CA LEU A 29 8.60 5.37 10.39
C LEU A 29 7.16 5.70 10.01
N ARG A 30 6.38 4.69 9.63
CA ARG A 30 4.98 4.88 9.25
C ARG A 30 4.29 3.55 9.02
N ALA A 31 4.94 2.70 8.21
CA ALA A 31 4.42 1.36 7.89
C ALA A 31 3.08 1.42 7.16
N THR A 32 2.76 2.57 6.58
CA THR A 32 1.51 2.73 5.85
C THR A 32 1.66 2.28 4.41
N CYS A 33 0.54 2.13 3.72
CA CYS A 33 0.57 1.71 2.34
C CYS A 33 0.99 2.86 1.45
N THR A 34 2.06 2.64 0.72
CA THR A 34 2.60 3.63 -0.19
C THR A 34 2.71 3.03 -1.58
N CYS A 35 2.17 3.74 -2.56
CA CYS A 35 2.19 3.27 -3.94
C CYS A 35 3.43 3.75 -4.67
N GLY A 36 3.74 3.09 -5.80
CA GLY A 36 4.91 3.45 -6.59
C GLY A 36 4.80 4.83 -7.21
N LYS A 37 3.60 5.37 -7.20
CA LYS A 37 3.35 6.70 -7.74
C LYS A 37 2.63 7.54 -6.70
N GLN A 38 2.93 7.28 -5.42
CA GLN A 38 2.34 7.99 -4.29
C GLN A 38 0.83 7.77 -4.29
N GLY A 1 -1.21 -0.74 10.99
CA GLY A 1 -0.90 -0.51 9.57
C GLY A 1 -2.13 -0.56 8.72
N PHE A 2 -2.02 -0.16 7.46
CA PHE A 2 -3.16 -0.17 6.55
C PHE A 2 -3.33 -1.53 5.90
N GLY A 3 -2.36 -1.92 5.07
CA GLY A 3 -2.44 -3.20 4.40
C GLY A 3 -1.49 -4.23 4.98
N CYS A 4 -0.27 -4.26 4.47
CA CYS A 4 0.73 -5.20 4.96
C CYS A 4 1.23 -4.77 6.34
N PRO A 5 1.81 -5.69 7.12
CA PRO A 5 2.01 -7.09 6.72
C PRO A 5 0.76 -7.94 6.89
N PHE A 6 -0.32 -7.31 7.33
CA PHE A 6 -1.59 -7.99 7.53
C PHE A 6 -2.12 -8.56 6.22
N ASN A 7 -2.52 -7.68 5.31
CA ASN A 7 -3.03 -8.14 4.02
C ASN A 7 -2.46 -7.31 2.87
N GLU A 8 -1.59 -7.96 2.09
CA GLU A 8 -0.98 -7.31 0.94
C GLU A 8 -2.07 -6.89 -0.03
N ASN A 9 -3.09 -7.75 -0.16
CA ASN A 9 -4.20 -7.47 -1.06
C ASN A 9 -4.90 -6.17 -0.67
N GLU A 10 -5.02 -5.92 0.63
CA GLU A 10 -5.66 -4.69 1.10
C GLU A 10 -4.80 -3.49 0.72
N CYS A 11 -3.51 -3.60 0.96
CA CYS A 11 -2.59 -2.52 0.62
C CYS A 11 -2.55 -2.33 -0.89
N HIS A 12 -2.46 -3.46 -1.59
CA HIS A 12 -2.43 -3.49 -3.04
C HIS A 12 -3.70 -2.91 -3.63
N ALA A 13 -4.85 -3.38 -3.13
CA ALA A 13 -6.14 -2.91 -3.61
C ALA A 13 -6.28 -1.42 -3.35
N HIS A 14 -5.84 -0.98 -2.17
CA HIS A 14 -5.89 0.45 -1.83
C HIS A 14 -5.21 1.25 -2.92
N CYS A 15 -3.95 0.93 -3.16
CA CYS A 15 -3.16 1.61 -4.19
C CYS A 15 -3.85 1.51 -5.55
N LEU A 16 -4.43 0.36 -5.82
CA LEU A 16 -5.13 0.11 -7.07
C LEU A 16 -6.36 1.01 -7.20
N SER A 17 -6.94 1.36 -6.06
CA SER A 17 -8.12 2.20 -6.03
C SER A 17 -7.79 3.65 -6.38
N ILE A 18 -6.51 4.01 -6.32
CA ILE A 18 -6.12 5.37 -6.64
C ILE A 18 -5.50 5.43 -8.03
N GLY A 19 -5.85 4.47 -8.87
CA GLY A 19 -5.36 4.44 -10.24
C GLY A 19 -4.01 3.75 -10.39
N ARG A 20 -3.26 3.67 -9.31
CA ARG A 20 -1.94 3.05 -9.33
C ARG A 20 -2.03 1.57 -9.71
N LYS A 21 -0.92 0.98 -10.12
CA LYS A 21 -0.91 -0.43 -10.52
C LYS A 21 -0.27 -1.31 -9.45
N PHE A 22 0.60 -0.71 -8.66
CA PHE A 22 1.28 -1.42 -7.59
C PHE A 22 1.47 -0.50 -6.40
N GLY A 23 1.78 -1.09 -5.27
CA GLY A 23 1.99 -0.31 -4.06
C GLY A 23 2.00 -1.19 -2.84
N PHE A 24 2.85 -0.84 -1.88
CA PHE A 24 2.97 -1.60 -0.65
C PHE A 24 3.39 -0.67 0.49
N CYS A 25 3.39 -1.19 1.70
CA CYS A 25 3.77 -0.39 2.86
C CYS A 25 5.24 -0.01 2.82
N ALA A 26 5.50 1.29 2.82
CA ALA A 26 6.86 1.79 2.78
C ALA A 26 7.03 2.96 3.74
N GLY A 27 8.24 3.51 3.79
CA GLY A 27 8.52 4.64 4.66
C GLY A 27 8.79 4.20 6.08
N PRO A 28 8.09 4.80 7.06
CA PRO A 28 8.26 4.45 8.47
C PRO A 28 7.64 3.09 8.80
N LEU A 29 8.02 2.54 9.96
CA LEU A 29 7.51 1.25 10.39
C LEU A 29 6.08 1.38 10.94
N ARG A 30 5.21 1.97 10.12
CA ARG A 30 3.82 2.16 10.50
C ARG A 30 2.92 1.48 9.47
N ALA A 31 3.56 0.79 8.53
CA ALA A 31 2.88 0.09 7.46
C ALA A 31 2.09 1.06 6.59
N THR A 32 2.72 2.18 6.27
CA THR A 32 2.13 3.20 5.44
C THR A 32 2.22 2.82 3.97
N CYS A 33 1.10 2.41 3.38
CA CYS A 33 1.10 2.00 1.98
C CYS A 33 1.52 3.13 1.06
N THR A 34 2.53 2.84 0.29
CA THR A 34 3.06 3.76 -0.70
C THR A 34 3.04 3.09 -2.06
N CYS A 35 2.41 3.72 -3.03
CA CYS A 35 2.30 3.15 -4.36
C CYS A 35 3.51 3.52 -5.21
N GLY A 36 3.62 2.89 -6.38
CA GLY A 36 4.73 3.14 -7.29
C GLY A 36 4.93 4.62 -7.59
N LYS A 37 3.85 5.30 -7.93
CA LYS A 37 3.92 6.72 -8.24
C LYS A 37 3.23 7.52 -7.13
N GLN A 38 3.53 7.15 -5.89
CA GLN A 38 2.94 7.79 -4.71
C GLN A 38 1.43 7.67 -4.75
N GLY A 1 2.94 -3.28 8.46
CA GLY A 1 2.48 -1.92 8.08
C GLY A 1 0.99 -1.80 8.26
N PHE A 2 0.36 -0.90 7.48
CA PHE A 2 -1.08 -0.70 7.54
C PHE A 2 -1.80 -2.04 7.29
N GLY A 3 -1.56 -2.61 6.13
CA GLY A 3 -2.16 -3.89 5.80
C GLY A 3 -1.11 -4.97 5.64
N CYS A 4 -0.12 -4.68 4.81
CA CYS A 4 0.99 -5.58 4.55
C CYS A 4 1.67 -6.05 5.84
N PRO A 5 2.10 -7.32 5.89
CA PRO A 5 1.98 -8.26 4.77
C PRO A 5 0.65 -9.03 4.76
N PHE A 6 -0.10 -8.93 5.84
CA PHE A 6 -1.37 -9.63 5.96
C PHE A 6 -2.36 -9.14 4.90
N ASN A 7 -2.74 -7.88 5.01
CA ASN A 7 -3.67 -7.29 4.05
C ASN A 7 -2.91 -6.54 2.97
N GLU A 8 -1.86 -7.18 2.46
CA GLU A 8 -1.03 -6.57 1.42
C GLU A 8 -1.86 -6.34 0.16
N ASN A 9 -2.67 -7.33 -0.19
CA ASN A 9 -3.53 -7.22 -1.36
C ASN A 9 -4.55 -6.11 -1.19
N GLU A 10 -4.99 -5.91 0.05
CA GLU A 10 -5.97 -4.86 0.35
C GLU A 10 -5.31 -3.50 0.19
N CYS A 11 -4.10 -3.37 0.70
CA CYS A 11 -3.33 -2.14 0.59
C CYS A 11 -3.08 -1.84 -0.88
N HIS A 12 -2.70 -2.88 -1.61
CA HIS A 12 -2.45 -2.76 -3.04
C HIS A 12 -3.74 -2.38 -3.75
N ALA A 13 -4.84 -3.04 -3.35
CA ALA A 13 -6.15 -2.76 -3.93
C ALA A 13 -6.55 -1.32 -3.64
N HIS A 14 -6.23 -0.86 -2.43
CA HIS A 14 -6.52 0.50 -2.02
C HIS A 14 -5.88 1.46 -3.02
N CYS A 15 -4.57 1.32 -3.20
CA CYS A 15 -3.84 2.16 -4.15
C CYS A 15 -4.49 2.06 -5.53
N LEU A 16 -4.88 0.85 -5.89
CA LEU A 16 -5.53 0.59 -7.17
C LEU A 16 -6.83 1.39 -7.29
N SER A 17 -7.51 1.56 -6.16
CA SER A 17 -8.78 2.28 -6.12
C SER A 17 -8.63 3.77 -6.43
N ILE A 18 -7.42 4.31 -6.30
CA ILE A 18 -7.23 5.73 -6.57
C ILE A 18 -6.63 5.95 -7.95
N GLY A 19 -6.55 4.88 -8.74
CA GLY A 19 -6.02 4.98 -10.08
C GLY A 19 -4.58 4.55 -10.18
N ARG A 20 -4.04 4.03 -9.08
CA ARG A 20 -2.66 3.58 -9.06
C ARG A 20 -2.59 2.13 -9.50
N LYS A 21 -1.43 1.69 -9.97
CA LYS A 21 -1.27 0.31 -10.43
C LYS A 21 -0.56 -0.53 -9.39
N PHE A 22 0.34 0.09 -8.66
CA PHE A 22 1.10 -0.59 -7.63
C PHE A 22 0.95 0.14 -6.31
N GLY A 23 1.29 -0.54 -5.23
CA GLY A 23 1.20 0.07 -3.93
C GLY A 23 1.30 -0.94 -2.82
N PHE A 24 1.93 -0.53 -1.74
CA PHE A 24 2.11 -1.38 -0.57
C PHE A 24 2.44 -0.51 0.64
N CYS A 25 2.70 -1.11 1.77
CA CYS A 25 2.99 -0.37 2.97
C CYS A 25 4.45 0.06 3.03
N ALA A 26 4.67 1.36 3.01
CA ALA A 26 6.02 1.91 3.07
C ALA A 26 6.08 3.01 4.11
N GLY A 27 7.20 3.07 4.83
CA GLY A 27 7.37 4.09 5.85
C GLY A 27 8.07 3.56 7.09
N PRO A 28 8.70 4.44 7.89
CA PRO A 28 9.39 4.04 9.10
C PRO A 28 8.43 3.74 10.25
N LEU A 29 8.44 2.48 10.69
CA LEU A 29 7.59 2.01 11.79
C LEU A 29 6.13 1.97 11.34
N ARG A 30 5.51 3.14 11.23
CA ARG A 30 4.13 3.23 10.81
C ARG A 30 4.05 3.24 9.30
N ALA A 31 4.43 2.11 8.70
CA ALA A 31 4.43 1.95 7.26
C ALA A 31 3.02 1.98 6.69
N THR A 32 2.59 3.16 6.26
CA THR A 32 1.28 3.34 5.69
C THR A 32 1.31 2.92 4.23
N CYS A 33 0.17 2.92 3.55
CA CYS A 33 0.14 2.51 2.17
C CYS A 33 0.69 3.58 1.25
N THR A 34 1.70 3.20 0.52
CA THR A 34 2.34 4.07 -0.44
C THR A 34 2.33 3.38 -1.80
N CYS A 35 1.76 4.05 -2.79
CA CYS A 35 1.68 3.50 -4.13
C CYS A 35 3.07 3.42 -4.76
N GLY A 36 3.32 2.32 -5.46
CA GLY A 36 4.62 2.09 -6.08
C GLY A 36 4.98 3.09 -7.16
N LYS A 37 4.30 2.99 -8.30
CA LYS A 37 4.58 3.90 -9.41
C LYS A 37 3.31 4.60 -9.84
N GLN A 38 2.53 5.02 -8.86
CA GLN A 38 1.27 5.71 -9.08
C GLN A 38 0.35 4.90 -10.00
N GLY A 1 2.25 -3.03 8.89
CA GLY A 1 2.02 -1.61 8.51
C GLY A 1 0.56 -1.32 8.29
N PHE A 2 0.28 -0.33 7.46
CA PHE A 2 -1.11 0.05 7.14
C PHE A 2 -1.83 -1.11 6.46
N GLY A 3 -1.21 -1.63 5.40
CA GLY A 3 -1.80 -2.73 4.67
C GLY A 3 -1.19 -4.06 5.08
N CYS A 4 -0.02 -4.36 4.52
CA CYS A 4 0.66 -5.60 4.82
C CYS A 4 1.07 -5.67 6.29
N PRO A 5 1.00 -6.87 6.90
CA PRO A 5 0.56 -8.10 6.25
C PRO A 5 -0.90 -8.43 6.50
N PHE A 6 -1.59 -7.54 7.21
CA PHE A 6 -2.99 -7.74 7.54
C PHE A 6 -3.87 -7.68 6.30
N ASN A 7 -3.85 -6.54 5.62
CA ASN A 7 -4.65 -6.35 4.42
C ASN A 7 -3.77 -5.82 3.30
N GLU A 8 -2.73 -6.58 2.98
CA GLU A 8 -1.80 -6.20 1.93
C GLU A 8 -2.47 -6.22 0.57
N ASN A 9 -3.23 -7.28 0.31
CA ASN A 9 -3.95 -7.41 -0.95
C ASN A 9 -4.99 -6.32 -1.07
N GLU A 10 -5.58 -5.93 0.05
CA GLU A 10 -6.57 -4.88 0.08
C GLU A 10 -5.92 -3.55 -0.26
N CYS A 11 -4.87 -3.22 0.47
CA CYS A 11 -4.15 -1.96 0.24
C CYS A 11 -3.61 -1.92 -1.19
N HIS A 12 -3.22 -3.09 -1.69
CA HIS A 12 -2.70 -3.21 -3.04
C HIS A 12 -3.83 -2.99 -4.06
N ALA A 13 -4.94 -3.70 -3.88
CA ALA A 13 -6.09 -3.57 -4.78
C ALA A 13 -6.67 -2.17 -4.71
N HIS A 14 -6.75 -1.64 -3.50
CA HIS A 14 -7.25 -0.30 -3.27
C HIS A 14 -6.40 0.71 -4.03
N CYS A 15 -5.10 0.56 -3.88
CA CYS A 15 -4.14 1.42 -4.56
C CYS A 15 -4.32 1.28 -6.08
N LEU A 16 -4.60 0.07 -6.50
CA LEU A 16 -4.81 -0.22 -7.91
C LEU A 16 -6.01 0.53 -8.45
N SER A 17 -6.94 0.86 -7.55
CA SER A 17 -8.15 1.57 -7.93
C SER A 17 -7.90 3.07 -8.07
N ILE A 18 -6.81 3.57 -7.47
CA ILE A 18 -6.52 5.00 -7.55
C ILE A 18 -5.48 5.30 -8.63
N GLY A 19 -5.48 4.49 -9.68
CA GLY A 19 -4.57 4.70 -10.79
C GLY A 19 -3.29 3.90 -10.67
N ARG A 20 -2.82 3.70 -9.46
CA ARG A 20 -1.58 2.97 -9.21
C ARG A 20 -1.70 1.53 -9.72
N LYS A 21 -0.61 0.98 -10.25
CA LYS A 21 -0.63 -0.38 -10.76
C LYS A 21 0.12 -1.33 -9.84
N PHE A 22 1.06 -0.78 -9.08
CA PHE A 22 1.85 -1.58 -8.14
C PHE A 22 2.14 -0.75 -6.90
N GLY A 23 2.37 -1.42 -5.79
CA GLY A 23 2.66 -0.74 -4.55
C GLY A 23 2.55 -1.66 -3.34
N PHE A 24 3.14 -1.24 -2.24
CA PHE A 24 3.11 -2.00 -0.99
C PHE A 24 3.43 -1.07 0.18
N CYS A 25 3.38 -1.60 1.40
CA CYS A 25 3.64 -0.79 2.57
C CYS A 25 5.15 -0.62 2.79
N ALA A 26 5.59 0.62 2.83
CA ALA A 26 6.99 0.93 3.03
C ALA A 26 7.17 1.85 4.23
N GLY A 27 8.24 1.64 4.96
CA GLY A 27 8.52 2.46 6.13
C GLY A 27 8.72 1.63 7.38
N PRO A 28 9.74 1.96 8.20
CA PRO A 28 10.02 1.22 9.43
C PRO A 28 8.95 1.43 10.50
N LEU A 29 8.93 2.62 11.10
CA LEU A 29 7.95 2.93 12.15
C LEU A 29 6.61 3.34 11.54
N ARG A 30 6.64 3.70 10.26
CA ARG A 30 5.43 4.11 9.56
C ARG A 30 5.32 3.38 8.23
N ALA A 31 5.06 2.09 8.30
CA ALA A 31 4.89 1.27 7.11
C ALA A 31 3.58 1.56 6.40
N THR A 32 3.56 2.66 5.68
CA THR A 32 2.38 3.08 4.94
C THR A 32 2.47 2.61 3.51
N CYS A 33 1.34 2.29 2.90
CA CYS A 33 1.34 1.82 1.52
C CYS A 33 1.81 2.90 0.56
N THR A 34 2.83 2.57 -0.19
CA THR A 34 3.40 3.45 -1.17
C THR A 34 3.38 2.77 -2.53
N CYS A 35 2.81 3.44 -3.52
CA CYS A 35 2.71 2.87 -4.84
C CYS A 35 3.59 3.64 -5.83
N GLY A 36 3.55 3.23 -7.10
CA GLY A 36 4.36 3.87 -8.14
C GLY A 36 4.22 5.39 -8.17
N LYS A 37 3.04 5.87 -7.85
CA LYS A 37 2.77 7.29 -7.82
C LYS A 37 2.22 7.69 -6.46
N GLN A 38 2.85 7.16 -5.42
CA GLN A 38 2.45 7.41 -4.04
C GLN A 38 1.04 6.86 -3.81
N GLY A 1 -1.23 1.28 10.97
CA GLY A 1 -1.24 1.82 9.58
C GLY A 1 -2.52 1.48 8.86
N PHE A 2 -2.49 1.49 7.54
CA PHE A 2 -3.67 1.17 6.75
C PHE A 2 -3.81 -0.34 6.57
N GLY A 3 -2.86 -0.93 5.84
CA GLY A 3 -2.91 -2.35 5.61
C GLY A 3 -1.73 -3.09 6.24
N CYS A 4 -0.59 -3.04 5.57
CA CYS A 4 0.61 -3.71 6.05
C CYS A 4 1.02 -3.17 7.42
N PRO A 5 1.78 -3.97 8.21
CA PRO A 5 2.24 -5.31 7.82
C PRO A 5 1.15 -6.38 7.94
N PHE A 6 -0.07 -5.97 8.24
CA PHE A 6 -1.17 -6.90 8.38
C PHE A 6 -1.82 -7.20 7.02
N ASN A 7 -2.61 -6.26 6.52
CA ASN A 7 -3.29 -6.42 5.25
C ASN A 7 -2.52 -5.73 4.13
N GLU A 8 -1.36 -6.28 3.82
CA GLU A 8 -0.49 -5.73 2.77
C GLU A 8 -1.18 -5.78 1.41
N ASN A 9 -1.79 -6.90 1.11
CA ASN A 9 -2.50 -7.09 -0.15
C ASN A 9 -3.68 -6.15 -0.25
N GLU A 10 -4.30 -5.85 0.88
CA GLU A 10 -5.44 -4.94 0.91
C GLU A 10 -4.97 -3.53 0.59
N CYS A 11 -3.84 -3.15 1.16
CA CYS A 11 -3.25 -1.83 0.89
C CYS A 11 -2.95 -1.73 -0.60
N HIS A 12 -2.38 -2.80 -1.14
CA HIS A 12 -2.03 -2.86 -2.56
C HIS A 12 -3.31 -2.83 -3.40
N ALA A 13 -4.33 -3.58 -2.95
CA ALA A 13 -5.60 -3.62 -3.65
C ALA A 13 -6.22 -2.24 -3.72
N HIS A 14 -6.20 -1.54 -2.58
CA HIS A 14 -6.71 -0.18 -2.51
C HIS A 14 -5.98 0.69 -3.52
N CYS A 15 -4.67 0.58 -3.48
CA CYS A 15 -3.80 1.33 -4.39
C CYS A 15 -4.19 1.06 -5.85
N LEU A 16 -4.50 -0.20 -6.12
CA LEU A 16 -4.92 -0.61 -7.46
C LEU A 16 -6.22 0.07 -7.86
N SER A 17 -7.05 0.36 -6.86
CA SER A 17 -8.33 0.99 -7.09
C SER A 17 -8.21 2.51 -7.30
N ILE A 18 -7.06 3.08 -6.99
CA ILE A 18 -6.90 4.53 -7.15
C ILE A 18 -6.09 4.85 -8.40
N GLY A 19 -6.17 3.96 -9.39
CA GLY A 19 -5.46 4.18 -10.64
C GLY A 19 -4.08 3.56 -10.68
N ARG A 20 -3.42 3.54 -9.53
CA ARG A 20 -2.07 2.97 -9.46
C ARG A 20 -2.09 1.46 -9.64
N LYS A 21 -0.96 0.89 -10.02
CA LYS A 21 -0.88 -0.55 -10.23
C LYS A 21 -0.10 -1.23 -9.11
N PHE A 22 0.86 -0.53 -8.56
CA PHE A 22 1.65 -1.07 -7.47
C PHE A 22 1.74 -0.07 -6.34
N GLY A 23 1.91 -0.59 -5.14
CA GLY A 23 1.99 0.23 -3.96
C GLY A 23 1.81 -0.59 -2.71
N PHE A 24 2.39 -0.11 -1.62
CA PHE A 24 2.32 -0.77 -0.33
C PHE A 24 2.86 0.17 0.74
N CYS A 25 2.89 -0.28 1.97
CA CYS A 25 3.39 0.54 3.06
C CYS A 25 4.90 0.69 2.97
N ALA A 26 5.35 1.90 2.71
CA ALA A 26 6.77 2.19 2.60
C ALA A 26 7.44 2.12 3.97
N GLY A 27 7.98 0.96 4.30
CA GLY A 27 8.64 0.79 5.57
C GLY A 27 7.95 -0.27 6.42
N PRO A 28 8.68 -1.31 6.85
CA PRO A 28 8.13 -2.41 7.67
C PRO A 28 7.41 -1.90 8.92
N LEU A 29 8.09 -1.08 9.70
CA LEU A 29 7.51 -0.54 10.92
C LEU A 29 6.97 0.87 10.69
N ARG A 30 6.62 1.16 9.44
CA ARG A 30 6.08 2.46 9.09
C ARG A 30 4.57 2.36 8.90
N ALA A 31 4.14 1.26 8.27
CA ALA A 31 2.73 0.98 8.02
C ALA A 31 2.02 2.11 7.25
N THR A 32 2.79 2.93 6.55
CA THR A 32 2.23 4.02 5.78
C THR A 32 2.23 3.65 4.30
N CYS A 33 1.05 3.42 3.75
CA CYS A 33 0.90 3.03 2.35
C CYS A 33 1.38 4.12 1.41
N THR A 34 2.12 3.69 0.41
CA THR A 34 2.64 4.57 -0.62
C THR A 34 2.69 3.81 -1.95
N CYS A 35 2.12 4.40 -2.99
CA CYS A 35 2.08 3.76 -4.29
C CYS A 35 3.30 4.15 -5.12
N GLY A 36 3.55 3.38 -6.18
CA GLY A 36 4.68 3.63 -7.06
C GLY A 36 4.59 4.95 -7.79
N LYS A 37 3.38 5.45 -7.93
CA LYS A 37 3.15 6.72 -8.61
C LYS A 37 2.36 7.65 -7.71
N GLN A 38 2.76 7.69 -6.44
CA GLN A 38 2.12 8.53 -5.44
C GLN A 38 0.64 8.17 -5.29
N GLY A 1 1.24 -3.32 9.67
CA GLY A 1 1.14 -1.90 9.25
C GLY A 1 -0.28 -1.54 8.91
N PHE A 2 -0.46 -0.60 7.98
CA PHE A 2 -1.80 -0.21 7.55
C PHE A 2 -2.53 -1.40 6.95
N GLY A 3 -1.89 -2.03 5.97
CA GLY A 3 -2.46 -3.20 5.34
C GLY A 3 -1.64 -4.44 5.60
N CYS A 4 -0.45 -4.47 5.02
CA CYS A 4 0.47 -5.58 5.16
C CYS A 4 0.81 -5.85 6.63
N PRO A 5 1.04 -7.11 6.99
CA PRO A 5 1.00 -8.26 6.09
C PRO A 5 -0.36 -8.96 6.06
N PHE A 6 -1.37 -8.29 6.58
CA PHE A 6 -2.70 -8.86 6.64
C PHE A 6 -3.54 -8.46 5.42
N ASN A 7 -3.78 -7.17 5.26
CA ASN A 7 -4.59 -6.66 4.15
C ASN A 7 -3.72 -5.93 3.13
N GLU A 8 -2.61 -6.53 2.76
CA GLU A 8 -1.70 -5.92 1.81
C GLU A 8 -2.27 -5.96 0.40
N ASN A 9 -2.96 -7.05 0.07
CA ASN A 9 -3.56 -7.21 -1.24
C ASN A 9 -4.67 -6.19 -1.42
N GLU A 10 -5.40 -5.95 -0.34
CA GLU A 10 -6.50 -4.99 -0.36
C GLU A 10 -5.95 -3.58 -0.49
N CYS A 11 -4.89 -3.28 0.26
CA CYS A 11 -4.26 -1.98 0.19
C CYS A 11 -3.71 -1.77 -1.22
N HIS A 12 -3.15 -2.84 -1.78
CA HIS A 12 -2.61 -2.83 -3.12
C HIS A 12 -3.72 -2.62 -4.15
N ALA A 13 -4.80 -3.38 -4.00
CA ALA A 13 -5.96 -3.29 -4.89
C ALA A 13 -6.57 -1.90 -4.83
N HIS A 14 -6.64 -1.35 -3.62
CA HIS A 14 -7.17 -0.01 -3.41
C HIS A 14 -6.34 0.99 -4.18
N CYS A 15 -5.03 0.85 -4.04
CA CYS A 15 -4.08 1.72 -4.72
C CYS A 15 -4.29 1.62 -6.23
N LEU A 16 -4.62 0.41 -6.68
CA LEU A 16 -4.86 0.16 -8.09
C LEU A 16 -6.05 0.96 -8.60
N SER A 17 -7.00 1.23 -7.71
CA SER A 17 -8.20 1.98 -8.06
C SER A 17 -7.89 3.46 -8.19
N ILE A 18 -6.74 3.90 -7.68
CA ILE A 18 -6.37 5.30 -7.75
C ILE A 18 -5.23 5.54 -8.74
N GLY A 19 -5.18 4.71 -9.77
CA GLY A 19 -4.17 4.86 -10.80
C GLY A 19 -2.87 4.09 -10.55
N ARG A 20 -2.56 3.83 -9.30
CA ARG A 20 -1.33 3.12 -8.96
C ARG A 20 -1.36 1.69 -9.50
N LYS A 21 -0.18 1.17 -9.85
CA LYS A 21 -0.09 -0.19 -10.37
C LYS A 21 0.52 -1.14 -9.35
N PHE A 22 1.46 -0.63 -8.59
CA PHE A 22 2.11 -1.43 -7.56
C PHE A 22 2.29 -0.59 -6.30
N GLY A 23 2.42 -1.28 -5.18
CA GLY A 23 2.59 -0.60 -3.91
C GLY A 23 2.38 -1.54 -2.74
N PHE A 24 2.96 -1.18 -1.60
CA PHE A 24 2.85 -1.96 -0.38
C PHE A 24 3.35 -1.12 0.78
N CYS A 25 3.23 -1.64 1.99
CA CYS A 25 3.68 -0.91 3.18
C CYS A 25 5.18 -0.71 3.17
N ALA A 26 5.61 0.53 3.00
CA ALA A 26 7.03 0.85 2.98
C ALA A 26 7.33 2.03 3.89
N GLY A 27 7.72 1.74 5.12
CA GLY A 27 8.04 2.79 6.06
C GLY A 27 8.59 2.24 7.37
N PRO A 28 9.86 2.52 7.69
CA PRO A 28 10.48 2.06 8.93
C PRO A 28 9.89 2.74 10.17
N LEU A 29 9.57 4.02 10.03
CA LEU A 29 8.98 4.77 11.15
C LEU A 29 7.50 4.48 11.25
N ARG A 30 6.84 4.42 10.09
CA ARG A 30 5.42 4.13 10.02
C ARG A 30 5.16 3.19 8.85
N ALA A 31 4.79 1.96 9.16
CA ALA A 31 4.53 0.96 8.13
C ALA A 31 3.21 1.21 7.42
N THR A 32 3.18 2.25 6.59
CA THR A 32 2.00 2.59 5.83
C THR A 32 2.19 2.17 4.37
N CYS A 33 1.10 2.01 3.64
CA CYS A 33 1.19 1.61 2.24
C CYS A 33 1.76 2.73 1.38
N THR A 34 2.75 2.38 0.60
CA THR A 34 3.39 3.31 -0.30
C THR A 34 3.40 2.73 -1.71
N CYS A 35 2.87 3.48 -2.66
CA CYS A 35 2.81 3.01 -4.03
C CYS A 35 3.74 3.80 -4.94
N GLY A 36 3.92 3.32 -6.16
CA GLY A 36 4.79 3.98 -7.12
C GLY A 36 4.37 5.40 -7.44
N LYS A 37 3.08 5.65 -7.35
CA LYS A 37 2.54 6.98 -7.61
C LYS A 37 1.94 7.55 -6.33
N GLN A 38 2.58 7.22 -5.21
CA GLN A 38 2.14 7.67 -3.89
C GLN A 38 0.74 7.15 -3.59
N GLY A 1 2.44 -3.67 8.65
CA GLY A 1 2.18 -2.28 8.20
C GLY A 1 0.69 -1.97 8.23
N PHE A 2 0.28 -0.96 7.47
CA PHE A 2 -1.13 -0.57 7.40
C PHE A 2 -2.00 -1.76 6.97
N GLY A 3 -1.60 -2.41 5.88
CA GLY A 3 -2.35 -3.55 5.40
C GLY A 3 -1.53 -4.83 5.48
N CYS A 4 -0.41 -4.85 4.75
CA CYS A 4 0.48 -6.00 4.71
C CYS A 4 1.03 -6.33 6.11
N PRO A 5 1.27 -7.63 6.38
CA PRO A 5 1.01 -8.72 5.44
C PRO A 5 -0.39 -9.31 5.58
N PHE A 6 -1.17 -8.76 6.50
CA PHE A 6 -2.53 -9.24 6.75
C PHE A 6 -3.43 -8.95 5.55
N ASN A 7 -3.69 -7.68 5.33
CA ASN A 7 -4.54 -7.26 4.21
C ASN A 7 -3.67 -6.66 3.11
N GLU A 8 -2.75 -7.47 2.61
CA GLU A 8 -1.83 -7.05 1.57
C GLU A 8 -2.57 -6.82 0.27
N ASN A 9 -3.49 -7.71 -0.06
CA ASN A 9 -4.27 -7.60 -1.28
C ASN A 9 -5.14 -6.36 -1.24
N GLU A 10 -5.66 -6.06 -0.05
CA GLU A 10 -6.52 -4.91 0.13
C GLU A 10 -5.71 -3.62 0.02
N CYS A 11 -4.51 -3.65 0.58
CA CYS A 11 -3.61 -2.51 0.52
C CYS A 11 -3.22 -2.25 -0.94
N HIS A 12 -2.89 -3.34 -1.63
CA HIS A 12 -2.52 -3.27 -3.02
C HIS A 12 -3.71 -2.81 -3.85
N ALA A 13 -4.88 -3.36 -3.54
CA ALA A 13 -6.11 -2.99 -4.24
C ALA A 13 -6.43 -1.53 -4.01
N HIS A 14 -6.21 -1.06 -2.78
CA HIS A 14 -6.44 0.34 -2.44
C HIS A 14 -5.62 1.21 -3.37
N CYS A 15 -4.33 0.91 -3.44
CA CYS A 15 -3.43 1.64 -4.32
C CYS A 15 -3.93 1.60 -5.76
N LEU A 16 -4.45 0.45 -6.14
CA LEU A 16 -4.99 0.25 -7.49
C LEU A 16 -6.21 1.14 -7.72
N SER A 17 -6.92 1.45 -6.65
CA SER A 17 -8.10 2.29 -6.74
C SER A 17 -7.74 3.74 -7.01
N ILE A 18 -6.49 4.13 -6.75
CA ILE A 18 -6.09 5.51 -7.00
C ILE A 18 -5.29 5.61 -8.29
N GLY A 19 -5.56 4.71 -9.22
CA GLY A 19 -4.90 4.73 -10.51
C GLY A 19 -3.57 4.01 -10.53
N ARG A 20 -2.95 3.86 -9.38
CA ARG A 20 -1.65 3.20 -9.29
C ARG A 20 -1.78 1.71 -9.63
N LYS A 21 -0.70 1.10 -10.07
CA LYS A 21 -0.72 -0.31 -10.44
C LYS A 21 -0.03 -1.18 -9.39
N PHE A 22 0.77 -0.55 -8.55
CA PHE A 22 1.47 -1.25 -7.48
C PHE A 22 1.38 -0.45 -6.21
N GLY A 23 1.56 -1.12 -5.08
CA GLY A 23 1.51 -0.47 -3.80
C GLY A 23 1.59 -1.44 -2.65
N PHE A 24 2.23 -1.01 -1.58
CA PHE A 24 2.40 -1.82 -0.37
C PHE A 24 2.76 -0.92 0.79
N CYS A 25 2.61 -1.42 2.02
CA CYS A 25 2.91 -0.63 3.19
C CYS A 25 4.42 -0.49 3.39
N ALA A 26 4.90 0.74 3.21
CA ALA A 26 6.31 1.04 3.35
C ALA A 26 6.52 2.22 4.30
N GLY A 27 7.78 2.54 4.56
CA GLY A 27 8.08 3.65 5.45
C GLY A 27 8.77 3.19 6.72
N PRO A 28 9.89 3.82 7.09
CA PRO A 28 10.64 3.47 8.31
C PRO A 28 9.82 3.74 9.57
N LEU A 29 9.04 4.81 9.53
CA LEU A 29 8.20 5.19 10.65
C LEU A 29 6.75 5.15 10.22
N ARG A 30 5.97 4.27 10.85
CA ARG A 30 4.55 4.11 10.53
C ARG A 30 4.37 3.62 9.10
N ALA A 31 4.79 2.38 8.86
CA ALA A 31 4.69 1.74 7.55
C ALA A 31 3.26 1.75 7.02
N THR A 32 2.95 2.74 6.21
CA THR A 32 1.63 2.89 5.61
C THR A 32 1.71 2.55 4.12
N CYS A 33 0.58 2.19 3.52
CA CYS A 33 0.58 1.82 2.11
C CYS A 33 1.07 2.95 1.22
N THR A 34 2.12 2.65 0.51
CA THR A 34 2.73 3.56 -0.44
C THR A 34 2.68 2.92 -1.82
N CYS A 35 2.09 3.62 -2.76
CA CYS A 35 1.97 3.09 -4.11
C CYS A 35 3.23 3.39 -4.92
N GLY A 36 3.36 2.68 -6.05
CA GLY A 36 4.52 2.86 -6.91
C GLY A 36 4.77 4.31 -7.30
N LYS A 37 3.72 5.00 -7.70
CA LYS A 37 3.83 6.40 -8.09
C LYS A 37 3.23 7.30 -7.02
N GLN A 38 3.55 6.97 -5.76
CA GLN A 38 3.05 7.71 -4.61
C GLN A 38 1.52 7.69 -4.60
N GLY A 1 1.96 -3.19 9.26
CA GLY A 1 1.84 -1.83 8.68
C GLY A 1 0.40 -1.45 8.48
N PHE A 2 0.13 -0.58 7.52
CA PHE A 2 -1.23 -0.14 7.22
C PHE A 2 -2.07 -1.33 6.75
N GLY A 3 -1.60 -2.00 5.72
CA GLY A 3 -2.30 -3.16 5.20
C GLY A 3 -1.53 -4.44 5.47
N CYS A 4 -0.33 -4.50 4.92
CA CYS A 4 0.54 -5.65 5.09
C CYS A 4 0.87 -5.89 6.56
N PRO A 5 0.90 -7.16 7.00
CA PRO A 5 0.65 -8.32 6.15
C PRO A 5 -0.77 -8.87 6.26
N PHE A 6 -1.59 -8.20 7.05
CA PHE A 6 -2.97 -8.63 7.27
C PHE A 6 -3.81 -8.47 6.00
N ASN A 7 -3.80 -7.28 5.43
CA ASN A 7 -4.55 -6.99 4.22
C ASN A 7 -3.66 -6.29 3.20
N GLU A 8 -2.53 -6.91 2.90
CA GLU A 8 -1.58 -6.35 1.96
C GLU A 8 -2.17 -6.31 0.55
N ASN A 9 -2.82 -7.39 0.16
CA ASN A 9 -3.44 -7.49 -1.15
C ASN A 9 -4.57 -6.48 -1.27
N GLU A 10 -5.27 -6.26 -0.16
CA GLU A 10 -6.38 -5.31 -0.14
C GLU A 10 -5.86 -3.89 -0.31
N CYS A 11 -4.78 -3.58 0.38
CA CYS A 11 -4.17 -2.26 0.27
C CYS A 11 -3.62 -2.08 -1.14
N HIS A 12 -3.12 -3.18 -1.70
CA HIS A 12 -2.59 -3.19 -3.06
C HIS A 12 -3.73 -2.98 -4.06
N ALA A 13 -4.83 -3.70 -3.86
CA ALA A 13 -5.98 -3.60 -4.74
C ALA A 13 -6.53 -2.18 -4.69
N HIS A 14 -6.67 -1.64 -3.49
CA HIS A 14 -7.14 -0.26 -3.31
C HIS A 14 -6.22 0.69 -4.05
N CYS A 15 -4.93 0.50 -3.84
CA CYS A 15 -3.90 1.31 -4.47
C CYS A 15 -4.07 1.30 -5.99
N LEU A 16 -4.41 0.15 -6.52
CA LEU A 16 -4.62 -0.04 -7.95
C LEU A 16 -5.79 0.80 -8.45
N SER A 17 -6.74 1.08 -7.56
CA SER A 17 -7.91 1.86 -7.92
C SER A 17 -7.60 3.36 -7.93
N ILE A 18 -6.48 3.77 -7.34
CA ILE A 18 -6.12 5.17 -7.29
C ILE A 18 -5.15 5.56 -8.41
N GLY A 19 -5.27 4.86 -9.54
CA GLY A 19 -4.42 5.15 -10.68
C GLY A 19 -3.01 4.59 -10.56
N ARG A 20 -2.76 3.86 -9.49
CA ARG A 20 -1.44 3.27 -9.28
C ARG A 20 -1.46 1.81 -9.75
N LYS A 21 -0.30 1.31 -10.19
CA LYS A 21 -0.23 -0.06 -10.67
C LYS A 21 0.47 -0.97 -9.67
N PHE A 22 1.29 -0.38 -8.81
CA PHE A 22 2.00 -1.13 -7.79
C PHE A 22 1.99 -0.34 -6.50
N GLY A 23 2.11 -1.03 -5.39
CA GLY A 23 2.11 -0.38 -4.10
C GLY A 23 1.99 -1.36 -2.95
N PHE A 24 2.67 -1.05 -1.85
CA PHE A 24 2.65 -1.88 -0.65
C PHE A 24 3.25 -1.09 0.50
N CYS A 25 3.14 -1.61 1.71
CA CYS A 25 3.67 -0.94 2.89
C CYS A 25 5.18 -0.76 2.80
N ALA A 26 5.62 0.49 2.71
CA ALA A 26 7.04 0.79 2.63
C ALA A 26 7.41 1.88 3.63
N GLY A 27 7.89 1.46 4.79
CA GLY A 27 8.29 2.40 5.82
C GLY A 27 8.77 1.71 7.08
N PRO A 28 9.86 2.20 7.69
CA PRO A 28 10.41 1.61 8.92
C PRO A 28 9.46 1.76 10.11
N LEU A 29 9.11 3.00 10.44
CA LEU A 29 8.21 3.27 11.54
C LEU A 29 6.77 3.30 11.02
N ARG A 30 6.52 4.21 10.10
CA ARG A 30 5.20 4.33 9.50
C ARG A 30 5.12 3.45 8.27
N ALA A 31 4.90 2.17 8.49
CA ALA A 31 4.79 1.20 7.40
C ALA A 31 3.46 1.32 6.66
N THR A 32 3.24 2.50 6.08
CA THR A 32 2.04 2.76 5.32
C THR A 32 2.21 2.28 3.89
N CYS A 33 1.12 1.94 3.22
CA CYS A 33 1.21 1.47 1.85
C CYS A 33 1.63 2.60 0.93
N THR A 34 2.78 2.40 0.30
CA THR A 34 3.33 3.38 -0.62
C THR A 34 3.26 2.82 -2.04
N CYS A 35 2.73 3.59 -2.96
CA CYS A 35 2.60 3.14 -4.34
C CYS A 35 3.57 3.86 -5.26
N GLY A 36 3.61 3.43 -6.52
CA GLY A 36 4.49 4.04 -7.50
C GLY A 36 4.21 5.52 -7.69
N LYS A 37 2.94 5.88 -7.60
CA LYS A 37 2.51 7.26 -7.75
C LYS A 37 2.12 7.81 -6.39
N GLN A 38 2.84 7.36 -5.36
CA GLN A 38 2.59 7.77 -3.99
C GLN A 38 1.18 7.35 -3.58
#